data_9FL9
#
_entry.id   9FL9
#
loop_
_entity.id
_entity.type
_entity.pdbx_description
1 polymer 'EKC/KEOPS complex subunit TPRKB'
2 polymer 'EKC/KEOPS complex subunit TP53RK'
3 polymer 'Probable tRNA N6-adenosine threonylcarbamoyltransferase'
4 polymer 'EKC/KEOPS complex subunit LAGE3'
5 polymer 'EKC/KEOPS complex subunit GON7'
#
loop_
_entity_poly.entity_id
_entity_poly.type
_entity_poly.pdbx_seq_one_letter_code
_entity_poly.pdbx_strand_id
1 'polypeptide(L)'
;MHHHHHHENLYFQGQLTHQLDLFPECRVTLLLFKDVKNAGDLRRKAMEGTIDGSLINPTVIVDPFQILVAANKAVHLYKL
GKMKTRTLSTEIIFNLSPNNNISEALKKFGISANDTSILIVYIEEGEKQINQEYLISQVEGHQVSLKNLPEIMNITEVKK
IYKLSSQEESIGTLLDAIICRMSTKDVL
;
A
2 'polypeptide(L)'
;MHHHHHHENLYFQGAAARATTPADGEEPAPEAEALAAARERSSRFLSGLELVKQGAEARVFRGRFQGRAAVIKHRFPKGY
RHPALEARLGRRRTVQEARALLRCRRAGISAPVVFFVDYASNCLYMEEIEGSVTVRDYIQSTMETEKTPQGLSNLAKTIG
QVLARMHDEDLIHGDLTTSNMLLKPPLEQLNIVLIDFGLSFISALPEDKGVDLYVLEKAFLSTHPNTETVFEAFLKSYST
SSKKARPVLKKLDEVRLRGRKRSMVG
;
B
3 'polypeptide(L)'
;MPAVLGFEGSANKIGVGVVRDGKVLANPRRTYVTPPGTGFLPGDTARHHRAVILDLLQEALTESGLTSQDIDCIAYTKGP
GMGAPLVSVAVVARTVAQLWNKPLVGVNHCIGHIEMGRLITGATSPTVLYVSGGNTQVIAYSEHRYRIFGETIDIAVGNC
LDRFARVLKISNDPSPGYNIEQMAKRGKKLVELPYTVKGMDVSFSGILSFIEDVAHRMLATGECTPEDLCFSLQETVFAM
LVEITERAMAHCGSQEALIVGGVGCNVRLQEMMATMCQERGARLFATDERFCIDNGAMIAQAGWEMFRAGHRTPLSDSGV
TQRYRTDEVEVTWRD
;
C
4 'polypeptide(L)'
;MRDADADAGGGADGGDGRGGHSCRGGVDTAAAPAGGAPPAHAPGPGRDAASAARGSRMRPHIFTLSVPFPTPLEAEIAHG
SLAPDAEPHQRVVGKDLTVSGRILVVRWKAEDCRLLRISVINFLDQLSLVVRTMQRFGPPVSR
;
D
5 'polypeptide(L)'
;MELLGEYVGQEGKPQKLRVSCEAPGDGDPFQGLLSGVAQMKDMVTELFDPLVQGEVQHRVAAAPDEDLDGDDEDDAEDEN
NIDNRTNFDGPSAKRPKTPSHHHHHH
;
E
#
# COMPACT_ATOMS: atom_id res chain seq x y z
N GLN A 15 -48.20 32.50 -2.74
CA GLN A 15 -47.82 31.41 -3.62
C GLN A 15 -46.87 31.92 -4.68
N LEU A 16 -46.03 31.00 -5.18
CA LEU A 16 -45.19 31.24 -6.34
C LEU A 16 -44.77 29.88 -6.89
N THR A 17 -44.65 29.78 -8.21
CA THR A 17 -44.24 28.56 -8.86
C THR A 17 -42.74 28.63 -9.16
N HIS A 18 -42.11 27.47 -9.23
CA HIS A 18 -40.67 27.36 -9.42
C HIS A 18 -40.37 26.42 -10.57
N GLN A 19 -39.07 26.26 -10.85
CA GLN A 19 -38.56 25.32 -11.85
C GLN A 19 -37.52 24.45 -11.18
N LEU A 20 -37.95 23.31 -10.65
CA LEU A 20 -37.06 22.44 -9.90
C LEU A 20 -35.92 21.92 -10.78
N ASP A 21 -34.85 21.45 -10.13
CA ASP A 21 -33.69 20.89 -10.80
C ASP A 21 -33.38 19.52 -10.20
N LEU A 22 -32.42 18.82 -10.80
CA LEU A 22 -32.03 17.50 -10.31
C LEU A 22 -33.22 16.54 -10.36
N PHE A 23 -33.53 16.04 -11.56
CA PHE A 23 -34.80 15.55 -12.08
C PHE A 23 -35.78 16.69 -12.29
N PRO A 24 -35.47 17.65 -13.17
CA PRO A 24 -36.40 18.75 -13.42
C PRO A 24 -37.51 18.32 -14.38
N GLU A 25 -38.68 18.02 -13.81
CA GLU A 25 -39.89 17.88 -14.61
C GLU A 25 -41.10 18.36 -13.83
N CYS A 26 -40.87 18.88 -12.63
CA CYS A 26 -41.95 19.20 -11.71
C CYS A 26 -41.95 20.69 -11.36
N ARG A 27 -43.11 21.19 -10.97
CA ARG A 27 -43.27 22.57 -10.53
C ARG A 27 -43.83 22.56 -9.12
N VAL A 28 -43.08 23.11 -8.17
CA VAL A 28 -43.49 23.10 -6.78
C VAL A 28 -44.11 24.46 -6.45
N THR A 29 -45.10 24.43 -5.54
CA THR A 29 -45.85 25.61 -5.16
C THR A 29 -46.20 25.53 -3.69
N LEU A 30 -46.10 26.65 -2.99
CA LEU A 30 -46.34 26.71 -1.55
C LEU A 30 -47.50 27.64 -1.24
N LEU A 31 -48.34 27.22 -0.29
CA LEU A 31 -49.48 27.98 0.19
C LEU A 31 -49.41 28.06 1.70
N LEU A 32 -49.89 29.17 2.26
CA LEU A 32 -49.95 29.35 3.70
C LEU A 32 -51.36 29.77 4.09
N PHE A 33 -51.96 29.03 5.03
CA PHE A 33 -53.28 29.36 5.53
C PHE A 33 -53.28 29.35 7.04
N LYS A 34 -54.34 29.88 7.64
CA LYS A 34 -54.44 30.00 9.09
C LYS A 34 -55.88 29.75 9.52
N ASP A 35 -56.15 30.02 10.79
CA ASP A 35 -57.49 29.95 11.36
C ASP A 35 -58.11 28.56 11.23
N VAL A 36 -57.37 27.53 11.64
CA VAL A 36 -57.82 26.14 11.57
C VAL A 36 -57.85 25.54 12.97
N LYS A 37 -58.88 24.76 13.25
CA LYS A 37 -58.93 23.98 14.49
C LYS A 37 -59.87 22.80 14.31
N ASN A 38 -59.28 21.63 14.05
CA ASN A 38 -59.98 20.35 14.01
C ASN A 38 -58.97 19.24 13.80
N ALA A 39 -59.29 18.03 14.29
CA ALA A 39 -58.29 16.96 14.30
C ALA A 39 -58.51 15.95 13.18
N GLY A 40 -59.69 15.31 13.14
CA GLY A 40 -59.87 14.14 12.31
C GLY A 40 -60.22 14.48 10.87
N ASP A 41 -61.13 15.44 10.69
CA ASP A 41 -61.69 15.69 9.36
C ASP A 41 -60.62 16.13 8.37
N LEU A 42 -59.71 17.02 8.80
CA LEU A 42 -58.71 17.55 7.87
C LEU A 42 -57.65 16.51 7.55
N ARG A 43 -57.22 15.74 8.56
CA ARG A 43 -56.26 14.67 8.29
C ARG A 43 -56.84 13.63 7.34
N ARG A 44 -58.13 13.29 7.52
CA ARG A 44 -58.76 12.37 6.59
C ARG A 44 -58.86 12.98 5.19
N LYS A 45 -59.24 14.26 5.11
CA LYS A 45 -59.22 14.97 3.84
C LYS A 45 -57.88 14.82 3.14
N ALA A 46 -56.79 14.91 3.91
CA ALA A 46 -55.46 14.74 3.34
C ALA A 46 -55.25 13.31 2.86
N MET A 47 -55.60 12.32 3.71
CA MET A 47 -55.36 10.93 3.36
C MET A 47 -56.27 10.47 2.21
N GLU A 48 -57.49 11.00 2.16
CA GLU A 48 -58.43 10.59 1.11
C GLU A 48 -58.09 11.16 -0.25
N GLY A 49 -57.07 12.01 -0.35
CA GLY A 49 -56.71 12.57 -1.64
C GLY A 49 -57.61 13.69 -2.11
N THR A 50 -58.72 13.96 -1.42
CA THR A 50 -59.54 15.11 -1.77
C THR A 50 -58.80 16.42 -1.56
N ILE A 51 -57.77 16.43 -0.72
CA ILE A 51 -56.77 17.47 -0.68
C ILE A 51 -55.55 16.96 -1.43
N ASP A 52 -55.20 17.64 -2.51
CA ASP A 52 -54.12 17.19 -3.38
C ASP A 52 -52.77 17.78 -3.02
N GLY A 53 -52.73 18.73 -2.08
CA GLY A 53 -51.46 19.25 -1.59
C GLY A 53 -50.86 18.40 -0.50
N SER A 54 -49.86 18.93 0.18
CA SER A 54 -49.19 18.25 1.30
C SER A 54 -49.20 19.21 2.48
N LEU A 55 -49.82 18.78 3.57
CA LEU A 55 -50.13 19.67 4.69
C LEU A 55 -49.10 19.49 5.80
N ILE A 56 -48.52 20.59 6.24
CA ILE A 56 -47.42 20.61 7.20
C ILE A 56 -47.71 21.64 8.27
N ASN A 57 -47.33 21.33 9.51
CA ASN A 57 -47.36 22.33 10.56
C ASN A 57 -46.33 23.42 10.30
N PRO A 58 -46.55 24.63 10.82
CA PRO A 58 -45.60 25.74 10.61
C PRO A 58 -44.58 25.97 11.71
N THR A 59 -44.65 25.26 12.83
CA THR A 59 -43.88 25.61 14.02
C THR A 59 -42.63 24.76 14.21
N VAL A 60 -42.16 24.09 13.16
CA VAL A 60 -40.92 23.31 13.26
C VAL A 60 -40.04 23.61 12.06
N ILE A 61 -40.55 24.39 11.11
CA ILE A 61 -39.86 24.70 9.87
C ILE A 61 -39.15 26.03 10.05
N VAL A 62 -38.05 26.22 9.32
CA VAL A 62 -37.32 27.49 9.37
C VAL A 62 -37.42 28.27 8.05
N ASP A 63 -37.59 27.58 6.93
CA ASP A 63 -37.52 28.25 5.62
C ASP A 63 -38.21 27.37 4.58
N PRO A 64 -38.52 27.92 3.39
CA PRO A 64 -38.98 27.06 2.30
C PRO A 64 -37.87 26.28 1.60
N PHE A 65 -36.60 26.46 2.00
CA PHE A 65 -35.51 25.77 1.33
C PHE A 65 -35.36 24.33 1.83
N GLN A 66 -35.67 24.12 3.12
CA GLN A 66 -35.75 22.76 3.66
C GLN A 66 -36.80 21.94 2.92
N ILE A 67 -37.99 22.53 2.73
CA ILE A 67 -39.01 21.90 1.91
C ILE A 67 -38.48 21.61 0.52
N LEU A 68 -37.76 22.55 -0.07
CA LEU A 68 -37.26 22.38 -1.43
C LEU A 68 -36.31 21.18 -1.52
N VAL A 69 -35.41 21.04 -0.54
CA VAL A 69 -34.46 19.93 -0.57
C VAL A 69 -35.19 18.61 -0.40
N ALA A 70 -36.11 18.54 0.57
CA ALA A 70 -36.84 17.29 0.78
C ALA A 70 -37.67 16.93 -0.44
N ALA A 71 -38.24 17.93 -1.12
CA ALA A 71 -39.04 17.66 -2.31
C ALA A 71 -38.17 17.24 -3.48
N ASN A 72 -36.94 17.73 -3.57
CA ASN A 72 -36.03 17.24 -4.61
C ASN A 72 -35.64 15.79 -4.34
N LYS A 73 -35.39 15.45 -3.08
CA LYS A 73 -35.21 14.05 -2.69
C LYS A 73 -36.39 13.21 -3.18
N ALA A 74 -37.62 13.70 -2.92
CA ALA A 74 -38.80 12.96 -3.30
C ALA A 74 -38.89 12.77 -4.81
N VAL A 75 -38.72 13.85 -5.58
CA VAL A 75 -38.74 13.76 -7.04
C VAL A 75 -37.75 12.73 -7.54
N HIS A 76 -36.50 12.81 -7.07
CA HIS A 76 -35.46 11.93 -7.60
C HIS A 76 -35.78 10.46 -7.28
N LEU A 77 -36.04 10.16 -6.01
CA LEU A 77 -36.28 8.75 -5.67
C LEU A 77 -37.60 8.24 -6.25
N TYR A 78 -38.55 9.12 -6.55
CA TYR A 78 -39.79 8.68 -7.17
C TYR A 78 -39.57 8.28 -8.62
N LYS A 79 -39.03 9.21 -9.42
CA LYS A 79 -38.97 8.94 -10.86
C LYS A 79 -37.99 7.83 -11.22
N LEU A 80 -37.39 7.16 -10.22
CA LEU A 80 -36.75 5.88 -10.43
C LEU A 80 -37.55 4.72 -9.86
N GLY A 81 -38.57 5.01 -9.06
CA GLY A 81 -39.34 3.96 -8.41
C GLY A 81 -38.60 3.18 -7.35
N LYS A 82 -37.30 3.40 -7.19
CA LYS A 82 -36.54 2.70 -6.16
C LYS A 82 -36.96 3.14 -4.76
N MET A 83 -37.62 4.30 -4.67
CA MET A 83 -38.01 4.93 -3.42
C MET A 83 -38.70 3.98 -2.44
N LYS A 84 -38.46 4.20 -1.14
CA LYS A 84 -39.25 3.52 -0.11
C LYS A 84 -40.73 3.87 -0.23
N THR A 85 -41.04 5.02 -0.80
CA THR A 85 -42.40 5.52 -0.92
C THR A 85 -42.99 5.10 -2.26
N ARG A 86 -44.24 5.50 -2.51
CA ARG A 86 -44.87 5.27 -3.80
C ARG A 86 -45.66 6.51 -4.24
N THR A 87 -45.66 7.54 -3.40
CA THR A 87 -46.43 8.75 -3.66
C THR A 87 -45.56 9.96 -3.37
N LEU A 88 -45.47 10.87 -4.35
CA LEU A 88 -44.69 12.09 -4.17
C LEU A 88 -45.12 12.87 -2.95
N SER A 89 -46.41 12.85 -2.62
CA SER A 89 -46.92 13.68 -1.54
C SER A 89 -46.37 13.25 -0.19
N THR A 90 -46.41 11.95 0.10
CA THR A 90 -46.00 11.48 1.41
C THR A 90 -44.48 11.38 1.55
N GLU A 91 -43.74 11.57 0.46
CA GLU A 91 -42.29 11.35 0.50
C GLU A 91 -41.57 12.54 1.10
N ILE A 92 -41.91 13.76 0.66
CA ILE A 92 -41.27 14.97 1.17
C ILE A 92 -41.37 15.03 2.68
N ILE A 93 -42.52 14.62 3.22
CA ILE A 93 -42.76 14.72 4.66
C ILE A 93 -41.77 13.87 5.43
N PHE A 94 -41.45 12.68 4.92
CA PHE A 94 -40.40 11.88 5.53
C PHE A 94 -39.02 12.45 5.23
N ASN A 95 -38.85 13.07 4.07
CA ASN A 95 -37.56 13.58 3.65
C ASN A 95 -37.20 14.91 4.32
N LEU A 96 -38.11 15.46 5.13
CA LEU A 96 -37.71 16.54 6.03
C LEU A 96 -37.04 15.99 7.28
N SER A 97 -37.75 15.15 8.02
CA SER A 97 -37.23 14.59 9.26
C SER A 97 -36.21 13.50 8.96
N PRO A 98 -34.94 13.67 9.32
CA PRO A 98 -33.96 12.59 9.15
C PRO A 98 -34.19 11.41 10.08
N ASN A 99 -35.19 11.46 10.95
CA ASN A 99 -35.51 10.33 11.81
C ASN A 99 -35.92 9.13 10.98
N ASN A 100 -35.09 8.09 11.00
CA ASN A 100 -35.33 6.90 10.20
C ASN A 100 -36.55 6.11 10.64
N ASN A 101 -37.08 6.39 11.83
CA ASN A 101 -38.35 5.81 12.27
C ASN A 101 -39.46 6.58 11.56
N ILE A 102 -39.88 6.07 10.40
CA ILE A 102 -40.77 6.82 9.51
C ILE A 102 -42.08 7.15 10.19
N SER A 103 -42.44 6.42 11.26
CA SER A 103 -43.67 6.71 11.98
C SER A 103 -43.72 8.16 12.45
N GLU A 104 -42.67 8.60 13.14
CA GLU A 104 -42.65 9.97 13.64
C GLU A 104 -42.19 10.96 12.57
N ALA A 105 -41.35 10.50 11.63
CA ALA A 105 -40.97 11.34 10.50
C ALA A 105 -42.17 11.68 9.62
N LEU A 106 -43.27 10.95 9.76
CA LEU A 106 -44.53 11.27 9.10
C LEU A 106 -45.53 11.94 10.03
N LYS A 107 -45.59 11.50 11.29
CA LYS A 107 -46.59 12.03 12.21
C LYS A 107 -46.26 13.44 12.64
N LYS A 108 -45.11 13.62 13.30
CA LYS A 108 -44.79 14.91 13.91
C LYS A 108 -44.53 15.98 12.86
N PHE A 109 -43.61 15.71 11.93
CA PHE A 109 -43.27 16.70 10.90
C PHE A 109 -44.46 17.08 10.04
N GLY A 110 -45.49 16.23 9.98
CA GLY A 110 -46.72 16.54 9.27
C GLY A 110 -47.65 17.38 10.12
N ILE A 111 -48.90 17.46 9.67
CA ILE A 111 -49.91 18.24 10.36
C ILE A 111 -50.41 17.48 11.58
N SER A 112 -50.47 18.18 12.71
CA SER A 112 -51.12 17.67 13.91
C SER A 112 -52.26 18.61 14.29
N ALA A 113 -52.86 18.41 15.46
CA ALA A 113 -53.90 19.30 15.96
C ALA A 113 -53.32 20.49 16.73
N ASN A 114 -52.01 20.70 16.65
CA ASN A 114 -51.31 21.71 17.42
C ASN A 114 -50.99 22.96 16.61
N ASP A 115 -51.84 23.33 15.67
CA ASP A 115 -51.58 24.49 14.83
C ASP A 115 -52.88 25.17 14.45
N THR A 116 -52.84 26.49 14.37
CA THR A 116 -53.92 27.29 13.80
C THR A 116 -53.51 27.83 12.44
N SER A 117 -52.59 27.14 11.77
CA SER A 117 -52.08 27.54 10.47
C SER A 117 -51.39 26.33 9.85
N ILE A 118 -51.38 26.30 8.52
CA ILE A 118 -50.90 25.15 7.77
C ILE A 118 -50.14 25.62 6.54
N LEU A 119 -49.02 24.96 6.25
CA LEU A 119 -48.26 25.12 5.02
C LEU A 119 -48.65 23.99 4.08
N ILE A 120 -48.88 24.34 2.81
CA ILE A 120 -49.30 23.37 1.80
C ILE A 120 -48.27 23.36 0.68
N VAL A 121 -47.83 22.17 0.32
CA VAL A 121 -46.83 21.99 -0.73
C VAL A 121 -47.44 21.16 -1.85
N TYR A 122 -47.47 21.71 -3.05
CA TYR A 122 -48.05 21.03 -4.20
C TYR A 122 -46.98 20.86 -5.27
N ILE A 123 -47.02 19.73 -5.94
CA ILE A 123 -46.05 19.38 -6.97
C ILE A 123 -46.80 19.02 -8.24
N GLU A 124 -46.49 19.70 -9.33
CA GLU A 124 -47.26 19.66 -10.56
C GLU A 124 -46.44 19.06 -11.69
N GLU A 125 -47.01 18.05 -12.35
CA GLU A 125 -46.37 17.39 -13.48
C GLU A 125 -47.29 17.50 -14.69
N GLY A 126 -46.83 18.23 -15.72
CA GLY A 126 -47.56 18.32 -16.97
C GLY A 126 -48.93 18.96 -16.88
N GLU A 127 -49.97 18.14 -17.04
CA GLU A 127 -51.34 18.65 -17.07
C GLU A 127 -52.14 18.27 -15.84
N LYS A 128 -51.51 17.65 -14.83
CA LYS A 128 -52.20 17.34 -13.59
C LYS A 128 -52.34 18.64 -12.80
N GLN A 129 -53.49 19.29 -12.95
CA GLN A 129 -53.76 20.56 -12.30
C GLN A 129 -54.86 20.39 -11.26
N ILE A 130 -54.68 21.03 -10.11
CA ILE A 130 -55.63 20.99 -9.01
C ILE A 130 -56.04 22.43 -8.71
N ASN A 131 -57.34 22.71 -8.83
CA ASN A 131 -57.84 24.06 -8.65
C ASN A 131 -57.51 24.57 -7.24
N GLN A 132 -57.05 25.82 -7.18
CA GLN A 132 -56.70 26.43 -5.90
C GLN A 132 -57.94 26.76 -5.08
N GLU A 133 -58.91 27.45 -5.69
CA GLU A 133 -60.14 27.79 -4.97
C GLU A 133 -60.87 26.53 -4.53
N TYR A 134 -60.72 25.43 -5.28
CA TYR A 134 -61.30 24.17 -4.85
C TYR A 134 -60.83 23.77 -3.46
N LEU A 135 -59.51 23.73 -3.25
CA LEU A 135 -58.98 23.40 -1.94
C LEU A 135 -59.24 24.50 -0.92
N ILE A 136 -59.23 25.76 -1.35
CA ILE A 136 -59.57 26.87 -0.45
C ILE A 136 -60.96 26.66 0.13
N SER A 137 -61.88 26.17 -0.68
CA SER A 137 -63.20 25.80 -0.17
C SER A 137 -63.11 24.54 0.70
N GLN A 138 -62.28 23.58 0.29
CA GLN A 138 -62.20 22.32 1.01
C GLN A 138 -61.77 22.49 2.46
N VAL A 139 -60.86 23.43 2.74
CA VAL A 139 -60.35 23.64 4.08
C VAL A 139 -60.67 25.07 4.50
N GLU A 140 -61.04 25.24 5.76
CA GLU A 140 -61.46 26.54 6.28
C GLU A 140 -60.23 27.36 6.68
N GLY A 141 -60.16 28.59 6.20
CA GLY A 141 -59.05 29.46 6.57
C GLY A 141 -59.00 30.68 5.67
N HIS A 142 -58.28 31.69 6.15
CA HIS A 142 -58.08 32.95 5.44
C HIS A 142 -56.74 32.94 4.74
N GLN A 143 -56.68 33.59 3.58
CA GLN A 143 -55.45 33.70 2.80
C GLN A 143 -54.52 34.71 3.47
N VAL A 144 -53.30 34.28 3.78
CA VAL A 144 -52.30 35.12 4.41
C VAL A 144 -50.99 35.00 3.63
N SER A 145 -50.31 36.12 3.45
CA SER A 145 -49.06 36.14 2.69
C SER A 145 -47.97 35.35 3.41
N LEU A 146 -46.93 34.99 2.67
CA LEU A 146 -45.84 34.16 3.18
C LEU A 146 -44.69 35.03 3.62
N LYS A 147 -44.84 35.70 4.76
CA LYS A 147 -43.73 36.33 5.46
C LYS A 147 -43.91 36.12 6.95
N ASN A 148 -44.96 35.40 7.32
CA ASN A 148 -45.34 35.19 8.70
C ASN A 148 -44.59 34.01 9.33
N LEU A 149 -43.61 33.44 8.62
CA LEU A 149 -42.88 32.31 9.17
C LEU A 149 -42.13 32.64 10.46
N PRO A 150 -41.30 33.70 10.53
CA PRO A 150 -40.55 33.93 11.77
C PRO A 150 -41.42 34.22 12.98
N GLU A 151 -42.62 34.77 12.77
CA GLU A 151 -43.47 35.12 13.90
C GLU A 151 -43.97 33.88 14.62
N ILE A 152 -44.47 32.90 13.88
CA ILE A 152 -44.88 31.64 14.49
C ILE A 152 -43.67 30.77 14.82
N MET A 153 -42.51 31.07 14.24
CA MET A 153 -41.31 30.30 14.50
C MET A 153 -40.91 30.40 15.97
N ASN A 154 -40.94 29.25 16.66
CA ASN A 154 -40.62 29.16 18.08
C ASN A 154 -39.37 28.30 18.21
N ILE A 155 -38.20 28.96 18.21
CA ILE A 155 -36.91 28.28 18.18
C ILE A 155 -36.78 27.28 19.32
N THR A 156 -37.48 27.51 20.42
CA THR A 156 -37.41 26.61 21.58
C THR A 156 -37.72 25.17 21.19
N GLU A 157 -38.59 24.98 20.22
CA GLU A 157 -38.98 23.63 19.82
C GLU A 157 -38.41 23.23 18.46
N VAL A 158 -37.97 24.19 17.65
CA VAL A 158 -37.42 23.86 16.33
C VAL A 158 -36.18 23.01 16.47
N LYS A 159 -35.16 23.52 17.17
CA LYS A 159 -33.90 22.79 17.34
C LYS A 159 -34.03 21.57 18.23
N LYS A 160 -35.21 21.31 18.81
CA LYS A 160 -35.38 20.13 19.63
C LYS A 160 -35.23 18.85 18.82
N ILE A 161 -35.49 18.91 17.52
CA ILE A 161 -35.33 17.74 16.67
C ILE A 161 -33.91 17.65 16.11
N TYR A 162 -33.17 18.76 16.08
CA TYR A 162 -31.82 18.76 15.57
C TYR A 162 -30.77 18.51 16.65
N LYS A 163 -30.92 19.16 17.81
CA LYS A 163 -29.98 19.03 18.92
C LYS A 163 -28.54 19.31 18.46
N LEU A 164 -28.38 20.47 17.81
CA LEU A 164 -27.12 20.81 17.15
C LEU A 164 -26.22 21.61 18.09
N SER A 165 -24.92 21.50 17.86
CA SER A 165 -23.94 22.14 18.74
C SER A 165 -23.77 23.62 18.39
N SER A 166 -23.66 24.45 19.43
CA SER A 166 -23.43 25.87 19.23
C SER A 166 -22.09 26.13 18.57
N GLN A 167 -21.12 25.24 18.77
CA GLN A 167 -19.80 25.41 18.15
C GLN A 167 -19.91 25.40 16.63
N GLU A 168 -20.84 24.60 16.08
CA GLU A 168 -21.10 24.65 14.65
C GLU A 168 -21.79 25.96 14.27
N GLU A 169 -22.72 26.42 15.09
CA GLU A 169 -23.40 27.69 14.84
C GLU A 169 -22.42 28.86 14.83
N SER A 170 -21.28 28.70 15.51
CA SER A 170 -20.30 29.78 15.59
C SER A 170 -19.80 30.20 14.22
N ILE A 171 -19.81 29.30 13.24
CA ILE A 171 -19.21 29.54 11.94
C ILE A 171 -20.24 29.48 10.82
N GLY A 172 -21.48 29.85 11.10
CA GLY A 172 -22.48 29.86 10.06
C GLY A 172 -23.86 30.16 10.60
N THR A 173 -24.85 30.00 9.73
CA THR A 173 -26.26 30.21 10.04
C THR A 173 -26.90 28.89 10.44
N LEU A 174 -28.21 28.94 10.69
CA LEU A 174 -28.98 27.73 11.00
C LEU A 174 -29.71 27.18 9.79
N LEU A 175 -29.47 27.75 8.61
CA LEU A 175 -29.94 27.11 7.37
C LEU A 175 -29.06 25.93 7.01
N ASP A 176 -27.75 26.15 6.95
CA ASP A 176 -26.85 25.07 6.59
C ASP A 176 -26.63 24.11 7.76
N ALA A 177 -26.88 24.57 8.99
CA ALA A 177 -26.81 23.67 10.14
C ALA A 177 -27.93 22.63 10.08
N ILE A 178 -29.08 23.00 9.54
CA ILE A 178 -30.18 22.05 9.41
C ILE A 178 -30.13 21.37 8.05
N ILE A 179 -29.34 21.89 7.12
CA ILE A 179 -29.16 21.23 5.83
C ILE A 179 -28.18 20.07 5.95
N CYS A 180 -27.04 20.31 6.61
CA CYS A 180 -25.96 19.31 6.66
C CYS A 180 -26.40 17.97 7.24
N ARG A 181 -27.51 17.93 7.96
CA ARG A 181 -27.92 16.69 8.63
C ARG A 181 -29.10 16.01 7.95
N MET A 182 -29.80 16.70 7.04
CA MET A 182 -30.86 16.05 6.29
C MET A 182 -30.31 15.28 5.11
N SER A 183 -29.05 15.50 4.77
CA SER A 183 -28.34 14.78 3.72
C SER A 183 -28.11 13.32 4.06
N THR A 184 -28.08 12.94 5.33
CA THR A 184 -27.60 11.63 5.74
C THR A 184 -28.64 10.91 6.58
N LYS A 185 -29.55 10.21 5.91
CA LYS A 185 -30.47 9.30 6.60
C LYS A 185 -30.61 8.03 5.76
N ASP A 186 -29.99 8.02 4.58
CA ASP A 186 -30.16 6.94 3.62
C ASP A 186 -29.07 5.87 3.78
N VAL A 187 -27.80 6.25 3.66
CA VAL A 187 -26.73 5.29 3.91
C VAL A 187 -26.72 4.88 5.39
N LEU A 188 -27.26 5.74 6.25
CA LEU A 188 -27.38 5.47 7.67
C LEU A 188 -28.43 6.38 8.28
N GLU B 31 -35.62 -2.72 -13.54
CA GLU B 31 -34.55 -2.02 -12.85
C GLU B 31 -33.76 -1.15 -13.82
N ALA B 32 -33.44 -1.71 -14.98
CA ALA B 32 -32.62 -0.99 -15.96
C ALA B 32 -33.35 0.24 -16.50
N GLU B 33 -34.67 0.32 -16.32
CA GLU B 33 -35.40 1.51 -16.74
C GLU B 33 -35.11 2.70 -15.83
N ALA B 34 -35.06 2.46 -14.52
CA ALA B 34 -34.62 3.51 -13.60
C ALA B 34 -33.19 3.93 -13.91
N LEU B 35 -32.36 2.99 -14.36
CA LEU B 35 -31.00 3.34 -14.71
C LEU B 35 -30.93 4.12 -16.02
N ALA B 36 -31.87 3.87 -16.93
CA ALA B 36 -31.96 4.70 -18.13
C ALA B 36 -32.39 6.12 -17.76
N ALA B 37 -33.35 6.25 -16.84
CA ALA B 37 -33.72 7.57 -16.36
C ALA B 37 -32.55 8.26 -15.66
N ALA B 38 -31.73 7.48 -14.96
CA ALA B 38 -30.54 8.05 -14.33
C ALA B 38 -29.53 8.51 -15.38
N ARG B 39 -29.40 7.75 -16.47
CA ARG B 39 -28.58 8.21 -17.60
C ARG B 39 -29.10 9.53 -18.14
N GLU B 40 -30.43 9.64 -18.28
CA GLU B 40 -31.03 10.87 -18.78
C GLU B 40 -30.72 12.05 -17.86
N ARG B 41 -30.87 11.85 -16.55
CA ARG B 41 -30.63 12.95 -15.62
C ARG B 41 -29.15 13.32 -15.58
N SER B 42 -28.26 12.33 -15.68
CA SER B 42 -26.83 12.63 -15.69
C SER B 42 -26.46 13.41 -16.93
N SER B 43 -27.10 13.11 -18.07
CA SER B 43 -26.87 13.90 -19.26
C SER B 43 -27.42 15.31 -19.10
N ARG B 44 -28.61 15.44 -18.51
CA ARG B 44 -29.27 16.74 -18.44
C ARG B 44 -28.56 17.69 -17.48
N PHE B 45 -28.25 17.23 -16.26
CA PHE B 45 -27.66 18.11 -15.28
C PHE B 45 -26.21 18.46 -15.61
N LEU B 46 -25.53 17.61 -16.39
CA LEU B 46 -24.11 17.77 -16.63
C LEU B 46 -23.77 17.96 -18.11
N SER B 47 -24.67 18.58 -18.86
CA SER B 47 -24.37 18.98 -20.25
C SER B 47 -24.44 20.50 -20.34
N GLY B 48 -23.33 21.12 -20.71
CA GLY B 48 -23.24 22.56 -20.81
C GLY B 48 -22.59 23.25 -19.64
N LEU B 49 -21.87 22.53 -18.78
CA LEU B 49 -21.21 23.10 -17.62
C LEU B 49 -19.72 23.25 -17.89
N GLU B 50 -19.13 24.32 -17.37
CA GLU B 50 -17.73 24.61 -17.61
C GLU B 50 -16.85 23.68 -16.79
N LEU B 51 -15.58 23.59 -17.20
CA LEU B 51 -14.61 22.77 -16.49
C LEU B 51 -14.29 23.35 -15.12
N VAL B 52 -14.16 22.48 -14.13
CA VAL B 52 -13.65 22.88 -12.82
C VAL B 52 -12.39 22.07 -12.52
N LYS B 53 -12.53 20.75 -12.40
CA LYS B 53 -11.37 19.87 -12.37
C LYS B 53 -11.82 18.41 -12.44
N GLN B 54 -10.93 17.56 -12.96
CA GLN B 54 -11.23 16.14 -13.08
C GLN B 54 -9.91 15.38 -13.20
N GLY B 55 -9.63 14.51 -12.24
CA GLY B 55 -8.43 13.71 -12.29
C GLY B 55 -8.30 12.72 -11.15
N ALA B 56 -7.87 11.49 -11.47
CA ALA B 56 -7.23 10.59 -10.51
C ALA B 56 -7.98 10.48 -9.17
N GLU B 57 -9.16 9.84 -9.19
CA GLU B 57 -9.93 9.56 -7.99
C GLU B 57 -10.72 10.80 -7.57
N ALA B 58 -10.82 11.78 -8.46
CA ALA B 58 -11.66 12.95 -8.14
C ALA B 58 -12.33 13.47 -9.41
N ARG B 59 -13.62 13.78 -9.29
CA ARG B 59 -14.27 14.70 -10.24
C ARG B 59 -14.88 15.85 -9.45
N VAL B 60 -14.68 17.08 -9.92
CA VAL B 60 -15.17 18.25 -9.19
C VAL B 60 -15.67 19.28 -10.19
N PHE B 61 -16.93 19.71 -10.00
CA PHE B 61 -17.58 20.73 -10.81
C PHE B 61 -18.14 21.79 -9.87
N ARG B 62 -18.89 22.74 -10.42
CA ARG B 62 -19.41 23.87 -9.66
C ARG B 62 -20.62 24.45 -10.37
N GLY B 63 -21.62 24.87 -9.58
CA GLY B 63 -22.83 25.47 -10.13
C GLY B 63 -23.82 25.94 -9.08
N ARG B 64 -25.09 25.99 -9.47
CA ARG B 64 -26.17 26.44 -8.60
C ARG B 64 -26.99 25.26 -8.09
N PHE B 65 -27.75 25.51 -7.03
CA PHE B 65 -28.62 24.49 -6.45
C PHE B 65 -29.79 25.21 -5.78
N GLN B 66 -30.93 25.26 -6.48
CA GLN B 66 -32.17 25.83 -5.94
C GLN B 66 -32.01 27.30 -5.57
N GLY B 67 -30.95 27.95 -6.06
CA GLY B 67 -30.69 29.33 -5.73
C GLY B 67 -29.37 29.51 -5.00
N ARG B 68 -28.97 28.51 -4.25
CA ARG B 68 -27.72 28.53 -3.51
C ARG B 68 -26.55 28.23 -4.45
N ALA B 69 -25.34 28.45 -3.95
CA ALA B 69 -24.13 28.07 -4.66
C ALA B 69 -23.65 26.71 -4.16
N ALA B 70 -23.13 25.90 -5.07
CA ALA B 70 -22.68 24.58 -4.70
C ALA B 70 -21.60 24.10 -5.67
N VAL B 71 -20.97 22.99 -5.32
CA VAL B 71 -19.95 22.35 -6.13
C VAL B 71 -20.15 20.85 -6.01
N ILE B 72 -19.40 20.11 -6.82
CA ILE B 72 -19.64 18.69 -7.04
C ILE B 72 -18.37 17.93 -6.71
N LYS B 73 -18.51 16.80 -6.03
CA LYS B 73 -17.41 15.87 -5.79
C LYS B 73 -17.91 14.49 -6.13
N HIS B 74 -17.16 13.79 -6.99
CA HIS B 74 -17.63 12.56 -7.60
C HIS B 74 -16.55 11.51 -7.52
N ARG B 75 -16.87 10.43 -6.79
CA ARG B 75 -16.26 9.11 -6.89
C ARG B 75 -17.15 8.26 -7.78
N PHE B 76 -16.70 7.06 -8.08
CA PHE B 76 -17.31 6.42 -9.25
C PHE B 76 -17.05 4.93 -9.39
N PRO B 77 -18.00 4.17 -9.95
CA PRO B 77 -17.66 2.89 -10.56
C PRO B 77 -17.34 3.07 -12.04
N LYS B 78 -16.53 4.06 -12.38
CA LYS B 78 -16.20 4.33 -13.78
C LYS B 78 -14.85 3.76 -14.16
N GLY B 79 -14.25 2.95 -13.30
CA GLY B 79 -12.99 2.29 -13.59
C GLY B 79 -13.25 0.81 -13.85
N TYR B 80 -12.51 0.27 -14.81
CA TYR B 80 -12.75 -1.08 -15.29
C TYR B 80 -11.59 -1.98 -14.91
N ARG B 81 -11.78 -2.80 -13.88
CA ARG B 81 -10.87 -3.91 -13.62
C ARG B 81 -11.70 -5.18 -13.49
N HIS B 82 -12.87 -5.07 -12.85
CA HIS B 82 -13.81 -6.17 -12.72
C HIS B 82 -15.12 -5.67 -12.15
N PRO B 83 -16.26 -6.01 -12.74
CA PRO B 83 -17.54 -5.76 -12.08
C PRO B 83 -17.70 -6.66 -10.85
N ALA B 84 -18.84 -6.50 -10.18
CA ALA B 84 -19.22 -7.23 -8.98
C ALA B 84 -18.39 -6.79 -7.78
N LEU B 85 -17.40 -5.93 -8.01
CA LEU B 85 -16.68 -5.24 -6.94
C LEU B 85 -16.61 -3.74 -7.21
N GLU B 86 -16.49 -3.35 -8.49
CA GLU B 86 -16.42 -1.93 -8.85
C GLU B 86 -17.60 -1.15 -8.32
N ALA B 87 -18.80 -1.73 -8.39
CA ALA B 87 -19.97 -1.10 -7.78
C ALA B 87 -19.77 -0.97 -6.27
N ARG B 88 -19.42 -2.08 -5.61
CA ARG B 88 -19.10 -2.04 -4.19
C ARG B 88 -18.02 -1.01 -3.90
N LEU B 89 -16.99 -0.94 -4.75
CA LEU B 89 -15.90 0.00 -4.60
C LEU B 89 -16.40 1.43 -4.55
N GLY B 90 -17.02 1.90 -5.64
CA GLY B 90 -17.48 3.28 -5.69
C GLY B 90 -18.50 3.60 -4.61
N ARG B 91 -19.40 2.66 -4.34
CA ARG B 91 -20.41 2.86 -3.32
C ARG B 91 -19.78 3.11 -1.97
N ARG B 92 -18.91 2.21 -1.52
CA ARG B 92 -18.29 2.38 -0.21
C ARG B 92 -17.41 3.62 -0.16
N ARG B 93 -16.76 3.97 -1.27
CA ARG B 93 -15.94 5.16 -1.31
C ARG B 93 -16.76 6.42 -1.03
N THR B 94 -17.80 6.65 -1.83
CA THR B 94 -18.60 7.86 -1.65
C THR B 94 -19.33 7.85 -0.31
N VAL B 95 -19.80 6.68 0.14
CA VAL B 95 -20.49 6.63 1.44
C VAL B 95 -19.54 6.99 2.56
N GLN B 96 -18.28 6.55 2.47
CA GLN B 96 -17.29 6.92 3.47
C GLN B 96 -17.07 8.43 3.48
N GLU B 97 -16.95 9.04 2.30
CA GLU B 97 -16.73 10.49 2.28
C GLU B 97 -17.90 11.23 2.91
N ALA B 98 -19.12 10.81 2.60
CA ALA B 98 -20.29 11.46 3.18
C ALA B 98 -20.29 11.32 4.71
N ARG B 99 -20.05 10.10 5.20
CA ARG B 99 -20.01 9.89 6.65
C ARG B 99 -18.93 10.73 7.30
N ALA B 100 -17.80 10.92 6.60
CA ALA B 100 -16.70 11.69 7.17
C ALA B 100 -17.05 13.16 7.28
N LEU B 101 -17.60 13.74 6.19
CA LEU B 101 -18.05 15.14 6.27
C LEU B 101 -19.06 15.33 7.39
N LEU B 102 -20.03 14.41 7.52
CA LEU B 102 -21.06 14.57 8.54
C LEU B 102 -20.46 14.53 9.94
N ARG B 103 -19.73 13.45 10.25
CA ARG B 103 -19.14 13.34 11.59
C ARG B 103 -18.19 14.50 11.87
N CYS B 104 -17.48 14.98 10.86
CA CYS B 104 -16.55 16.09 11.06
C CYS B 104 -17.28 17.36 11.46
N ARG B 105 -18.18 17.84 10.59
CA ARG B 105 -18.83 19.10 10.92
C ARG B 105 -19.75 18.98 12.12
N ARG B 106 -20.23 17.77 12.44
CA ARG B 106 -21.05 17.62 13.63
C ARG B 106 -20.21 17.54 14.91
N ALA B 107 -18.96 17.12 14.81
CA ALA B 107 -18.10 17.07 16.00
C ALA B 107 -17.78 18.47 16.51
N GLY B 108 -17.48 19.40 15.61
CA GLY B 108 -17.12 20.75 16.00
C GLY B 108 -16.03 21.34 15.12
N ILE B 109 -15.29 20.47 14.43
CA ILE B 109 -14.36 20.96 13.42
C ILE B 109 -15.12 21.74 12.37
N SER B 110 -14.51 22.81 11.88
CA SER B 110 -15.08 23.58 10.79
C SER B 110 -15.00 22.76 9.51
N ALA B 111 -16.16 22.41 8.95
CA ALA B 111 -16.27 21.54 7.78
C ALA B 111 -17.44 22.01 6.91
N PRO B 112 -17.39 21.79 5.60
CA PRO B 112 -18.49 22.25 4.73
C PRO B 112 -19.82 21.59 5.02
N VAL B 113 -20.85 22.00 4.30
CA VAL B 113 -22.21 21.50 4.47
C VAL B 113 -22.61 20.70 3.23
N VAL B 114 -23.24 19.56 3.46
CA VAL B 114 -23.62 18.63 2.41
C VAL B 114 -25.13 18.70 2.20
N PHE B 115 -25.59 18.41 0.99
CA PHE B 115 -27.00 18.57 0.64
C PHE B 115 -27.77 17.25 0.62
N PHE B 116 -27.33 16.29 -0.20
CA PHE B 116 -27.95 14.96 -0.23
C PHE B 116 -26.99 14.04 -0.97
N VAL B 117 -26.98 12.76 -0.61
CA VAL B 117 -26.05 11.78 -1.16
C VAL B 117 -26.84 10.74 -1.94
N ASP B 118 -26.72 10.79 -3.27
CA ASP B 118 -27.31 9.80 -4.17
C ASP B 118 -26.19 8.93 -4.72
N TYR B 119 -25.97 7.78 -4.09
CA TYR B 119 -24.89 6.88 -4.48
C TYR B 119 -25.20 6.13 -5.77
N ALA B 120 -26.42 6.23 -6.29
CA ALA B 120 -26.80 5.61 -7.55
C ALA B 120 -25.91 6.02 -8.70
N SER B 121 -25.17 7.12 -8.56
CA SER B 121 -24.12 7.48 -9.50
C SER B 121 -22.91 7.99 -8.72
N ASN B 122 -23.00 7.93 -7.39
CA ASN B 122 -21.95 8.41 -6.49
C ASN B 122 -21.66 9.90 -6.73
N CYS B 123 -22.67 10.72 -6.44
CA CYS B 123 -22.61 12.16 -6.57
C CYS B 123 -22.44 12.80 -5.20
N LEU B 124 -21.83 13.99 -5.16
CA LEU B 124 -21.69 14.77 -3.94
C LEU B 124 -21.92 16.24 -4.24
N TYR B 125 -22.89 16.84 -3.55
CA TYR B 125 -23.18 18.26 -3.67
C TYR B 125 -22.75 18.93 -2.37
N MET B 126 -21.67 19.71 -2.43
CA MET B 126 -21.14 20.42 -1.27
C MET B 126 -21.26 21.91 -1.49
N GLU B 127 -21.75 22.63 -0.48
CA GLU B 127 -21.84 24.08 -0.61
C GLU B 127 -20.48 24.73 -0.38
N GLU B 128 -20.28 25.86 -1.05
CA GLU B 128 -19.08 26.63 -0.83
C GLU B 128 -19.24 27.56 0.36
N ILE B 129 -18.17 27.74 1.12
CA ILE B 129 -18.11 28.72 2.18
C ILE B 129 -17.21 29.85 1.70
N GLU B 130 -17.73 31.07 1.70
CA GLU B 130 -17.04 32.18 1.07
C GLU B 130 -15.83 32.62 1.87
N GLY B 131 -15.01 33.47 1.26
CA GLY B 131 -13.71 33.78 1.81
C GLY B 131 -12.63 32.84 1.33
N SER B 132 -12.47 32.69 0.01
CA SER B 132 -11.60 31.68 -0.56
C SER B 132 -10.15 32.01 -0.24
N VAL B 133 -9.57 31.28 0.72
CA VAL B 133 -8.17 31.43 1.09
C VAL B 133 -7.74 30.19 1.84
N THR B 134 -6.54 29.70 1.51
CA THR B 134 -5.94 28.54 2.16
C THR B 134 -4.88 28.99 3.16
N VAL B 135 -4.61 28.12 4.14
CA VAL B 135 -3.45 28.34 5.00
C VAL B 135 -2.18 28.45 4.17
N ARG B 136 -2.14 27.72 3.05
CA ARG B 136 -1.11 27.96 2.04
C ARG B 136 -1.06 29.43 1.66
N ASP B 137 -2.20 30.01 1.29
CA ASP B 137 -2.23 31.40 0.87
C ASP B 137 -1.87 32.34 2.01
N TYR B 138 -2.30 32.03 3.24
CA TYR B 138 -1.96 32.87 4.38
C TYR B 138 -0.45 32.89 4.61
N ILE B 139 0.16 31.71 4.81
CA ILE B 139 1.61 31.61 4.99
C ILE B 139 2.34 32.27 3.83
N GLN B 140 1.77 32.21 2.63
CA GLN B 140 2.38 32.87 1.48
C GLN B 140 2.35 34.38 1.63
N SER B 141 1.23 34.94 2.08
CA SER B 141 1.01 36.37 2.01
C SER B 141 1.57 37.15 3.20
N THR B 142 1.52 36.61 4.42
CA THR B 142 1.79 37.40 5.61
C THR B 142 3.26 37.50 5.95
N MET B 143 4.16 36.90 5.16
CA MET B 143 5.58 36.99 5.43
C MET B 143 6.17 38.34 5.00
N GLU B 144 5.40 39.15 4.28
CA GLU B 144 5.90 40.46 3.87
C GLU B 144 6.15 41.37 5.08
N THR B 145 5.35 41.24 6.12
CA THR B 145 5.49 42.05 7.34
C THR B 145 6.17 41.26 8.44
N GLU B 146 6.21 39.94 8.32
CA GLU B 146 6.77 39.07 9.35
C GLU B 146 8.22 38.75 9.03
N LYS B 147 9.09 38.88 10.03
CA LYS B 147 10.49 38.51 9.93
C LYS B 147 10.81 37.65 11.14
N THR B 148 11.55 36.55 10.93
CA THR B 148 11.76 35.52 11.96
C THR B 148 10.40 35.14 12.53
N PRO B 149 9.60 34.37 11.78
CA PRO B 149 8.14 34.33 11.98
C PRO B 149 7.66 34.31 13.42
N GLN B 150 6.85 35.30 13.77
CA GLN B 150 6.20 35.38 15.07
C GLN B 150 4.69 35.21 14.95
N GLY B 151 4.03 36.02 14.12
CA GLY B 151 2.62 35.81 13.83
C GLY B 151 2.32 34.58 13.01
N LEU B 152 3.28 34.14 12.19
CA LEU B 152 3.17 32.86 11.53
C LEU B 152 3.37 31.70 12.49
N SER B 153 4.29 31.85 13.45
CA SER B 153 4.39 30.88 14.53
C SER B 153 3.09 30.84 15.33
N ASN B 154 2.37 31.97 15.40
CA ASN B 154 1.08 31.97 16.09
C ASN B 154 0.00 31.30 15.26
N LEU B 155 0.01 31.54 13.94
CA LEU B 155 -0.82 30.73 13.06
C LEU B 155 -0.56 29.25 13.29
N ALA B 156 0.72 28.90 13.46
CA ALA B 156 1.08 27.50 13.72
C ALA B 156 0.52 27.03 15.06
N LYS B 157 0.55 27.90 16.08
CA LYS B 157 -0.10 27.59 17.34
C LYS B 157 -1.56 27.22 17.11
N THR B 158 -2.29 28.08 16.39
CA THR B 158 -3.71 27.85 16.14
C THR B 158 -3.93 26.57 15.34
N ILE B 159 -3.10 26.33 14.34
CA ILE B 159 -3.23 25.14 13.52
C ILE B 159 -3.02 23.89 14.36
N GLY B 160 -2.04 23.92 15.27
CA GLY B 160 -1.87 22.82 16.19
C GLY B 160 -3.10 22.63 17.07
N GLN B 161 -3.67 23.73 17.56
CA GLN B 161 -4.90 23.64 18.34
C GLN B 161 -5.99 22.93 17.56
N VAL B 162 -6.20 23.32 16.31
CA VAL B 162 -7.35 22.81 15.57
C VAL B 162 -7.10 21.38 15.10
N LEU B 163 -5.84 21.01 14.84
CA LEU B 163 -5.59 19.63 14.45
C LEU B 163 -5.68 18.70 15.66
N ALA B 164 -5.26 19.16 16.85
CA ALA B 164 -5.56 18.40 18.04
C ALA B 164 -7.07 18.31 18.28
N ARG B 165 -7.80 19.37 17.94
CA ARG B 165 -9.25 19.36 18.06
C ARG B 165 -9.86 18.31 17.13
N MET B 166 -9.36 18.23 15.90
CA MET B 166 -9.78 17.15 15.01
C MET B 166 -9.43 15.79 15.60
N HIS B 167 -8.23 15.68 16.19
CA HIS B 167 -7.75 14.44 16.75
C HIS B 167 -8.32 14.15 18.14
N ASP B 168 -9.30 14.94 18.58
CA ASP B 168 -10.02 14.60 19.80
C ASP B 168 -10.59 13.18 19.71
N GLU B 169 -11.43 12.91 18.71
CA GLU B 169 -11.88 11.56 18.42
C GLU B 169 -11.18 10.98 17.20
N ASP B 170 -10.15 11.66 16.71
CA ASP B 170 -9.23 11.12 15.71
C ASP B 170 -9.92 10.79 14.39
N LEU B 171 -10.57 11.79 13.80
CA LEU B 171 -10.99 11.66 12.41
C LEU B 171 -9.80 12.01 11.53
N ILE B 172 -9.23 11.01 10.87
CA ILE B 172 -8.00 11.17 10.11
C ILE B 172 -8.35 11.83 8.78
N HIS B 173 -7.92 13.08 8.60
CA HIS B 173 -7.92 13.68 7.26
C HIS B 173 -7.20 12.79 6.28
N GLY B 174 -6.33 11.90 6.76
CA GLY B 174 -5.64 10.94 5.93
C GLY B 174 -4.60 11.55 5.04
N ASP B 175 -4.70 12.84 4.78
CA ASP B 175 -3.60 13.60 4.20
C ASP B 175 -3.71 15.05 4.63
N LEU B 176 -3.07 15.41 5.74
CA LEU B 176 -3.07 16.81 6.15
C LEU B 176 -2.13 17.57 5.23
N THR B 177 -2.42 18.85 4.99
CA THR B 177 -1.65 19.59 4.00
C THR B 177 -1.84 21.08 4.25
N THR B 178 -0.96 21.88 3.63
CA THR B 178 -1.10 23.32 3.67
C THR B 178 -2.17 23.81 2.71
N SER B 179 -2.44 23.05 1.66
CA SER B 179 -3.47 23.40 0.68
C SER B 179 -4.82 22.78 1.01
N ASN B 180 -5.00 22.26 2.22
CA ASN B 180 -6.25 21.64 2.64
C ASN B 180 -6.87 22.34 3.84
N MET B 181 -6.53 23.61 4.06
CA MET B 181 -7.02 24.37 5.22
C MET B 181 -7.52 25.72 4.74
N LEU B 182 -8.84 25.86 4.65
CA LEU B 182 -9.44 27.11 4.24
C LEU B 182 -9.62 28.03 5.44
N LEU B 183 -9.94 29.30 5.18
CA LEU B 183 -10.22 30.26 6.24
C LEU B 183 -11.50 31.02 5.94
N LYS B 184 -12.37 31.14 6.94
CA LYS B 184 -13.56 31.97 6.81
C LYS B 184 -13.45 33.21 7.70
N PRO B 185 -13.96 34.34 7.25
CA PRO B 185 -13.81 35.59 8.02
C PRO B 185 -14.47 35.46 9.38
N PRO B 186 -14.12 36.33 10.35
CA PRO B 186 -13.17 37.46 10.31
C PRO B 186 -11.70 37.04 10.12
N LEU B 187 -10.90 37.93 9.53
CA LEU B 187 -9.51 37.64 9.19
C LEU B 187 -8.57 37.87 10.36
N GLU B 188 -9.07 37.89 11.58
CA GLU B 188 -8.23 38.11 12.75
C GLU B 188 -8.36 37.01 13.79
N GLN B 189 -9.51 36.36 13.90
CA GLN B 189 -9.72 35.32 14.90
C GLN B 189 -9.32 33.94 14.41
N LEU B 190 -8.92 33.81 13.15
CA LEU B 190 -8.35 32.57 12.61
C LEU B 190 -9.33 31.40 12.74
N ASN B 191 -10.45 31.51 12.03
CA ASN B 191 -11.40 30.42 11.88
C ASN B 191 -11.13 29.72 10.56
N ILE B 192 -10.81 28.43 10.62
CA ILE B 192 -10.31 27.69 9.47
C ILE B 192 -11.10 26.39 9.31
N VAL B 193 -11.27 25.99 8.06
CA VAL B 193 -12.13 24.89 7.66
C VAL B 193 -11.27 23.76 7.11
N LEU B 194 -11.62 22.52 7.43
CA LEU B 194 -10.94 21.32 6.95
C LEU B 194 -11.88 20.54 6.05
N ILE B 195 -11.40 20.15 4.87
CA ILE B 195 -12.25 19.67 3.79
C ILE B 195 -11.70 18.35 3.25
N ASP B 196 -12.35 17.84 2.19
CA ASP B 196 -11.87 16.73 1.37
C ASP B 196 -11.48 15.50 2.20
N PHE B 197 -12.45 14.90 2.89
CA PHE B 197 -12.16 13.72 3.68
C PHE B 197 -12.42 12.44 2.89
N GLY B 198 -11.78 12.32 1.72
CA GLY B 198 -12.07 11.20 0.84
C GLY B 198 -11.20 9.98 1.10
N LEU B 199 -9.93 10.22 1.43
CA LEU B 199 -9.03 9.12 1.77
C LEU B 199 -8.97 8.98 3.28
N SER B 200 -10.10 8.63 3.89
CA SER B 200 -10.31 8.83 5.32
C SER B 200 -10.50 7.50 6.04
N PHE B 201 -10.39 7.58 7.36
CA PHE B 201 -10.70 6.49 8.27
C PHE B 201 -10.66 7.02 9.69
N ILE B 202 -11.43 6.39 10.57
CA ILE B 202 -11.36 6.71 11.99
C ILE B 202 -11.18 5.40 12.77
N SER B 203 -9.94 4.94 12.90
CA SER B 203 -9.55 3.87 13.79
C SER B 203 -8.15 4.15 14.31
N ALA B 204 -7.83 5.43 14.48
CA ALA B 204 -6.46 5.93 14.46
C ALA B 204 -5.49 5.08 15.25
N LEU B 205 -4.48 4.55 14.57
CA LEU B 205 -3.31 3.86 15.08
C LEU B 205 -2.12 4.81 15.09
N PRO B 206 -1.41 4.91 16.23
CA PRO B 206 -0.27 5.83 16.29
C PRO B 206 0.75 5.59 15.21
N GLU B 207 0.84 4.36 14.69
CA GLU B 207 1.64 4.10 13.50
C GLU B 207 1.16 4.94 12.32
N ASP B 208 -0.09 4.74 11.92
CA ASP B 208 -0.65 5.53 10.83
C ASP B 208 -0.69 7.01 11.18
N LYS B 209 -0.84 7.33 12.47
CA LYS B 209 -0.85 8.74 12.88
C LYS B 209 0.51 9.39 12.64
N GLY B 210 1.58 8.70 13.01
CA GLY B 210 2.91 9.17 12.66
C GLY B 210 3.09 9.29 11.16
N VAL B 211 2.49 8.36 10.41
CA VAL B 211 2.50 8.47 8.96
C VAL B 211 1.87 9.80 8.53
N ASP B 212 0.71 10.13 9.10
CA ASP B 212 0.07 11.40 8.80
C ASP B 212 1.00 12.56 9.12
N LEU B 213 1.49 12.63 10.36
CA LEU B 213 2.37 13.72 10.76
C LEU B 213 3.62 13.80 9.89
N TYR B 214 4.09 12.67 9.36
CA TYR B 214 5.24 12.70 8.46
C TYR B 214 4.87 13.35 7.15
N VAL B 215 3.77 12.92 6.54
CA VAL B 215 3.29 13.57 5.33
C VAL B 215 3.09 15.06 5.58
N LEU B 216 2.65 15.40 6.79
CA LEU B 216 2.49 16.78 7.23
C LEU B 216 3.80 17.55 7.13
N GLU B 217 4.83 17.05 7.80
CA GLU B 217 6.13 17.72 7.77
C GLU B 217 6.67 17.79 6.35
N LYS B 218 6.43 16.75 5.55
CA LYS B 218 6.91 16.77 4.18
C LYS B 218 6.24 17.88 3.39
N ALA B 219 4.93 18.05 3.59
CA ALA B 219 4.21 19.15 2.93
C ALA B 219 4.76 20.50 3.39
N PHE B 220 5.01 20.65 4.68
CA PHE B 220 5.65 21.88 5.17
C PHE B 220 6.94 22.15 4.41
N LEU B 221 7.89 21.22 4.49
CA LEU B 221 9.21 21.44 3.87
C LEU B 221 9.11 21.67 2.37
N SER B 222 8.20 20.98 1.69
CA SER B 222 8.10 21.13 0.25
C SER B 222 7.50 22.48 -0.12
N THR B 223 6.26 22.73 0.30
CA THR B 223 5.58 23.99 -0.01
C THR B 223 6.21 25.20 0.64
N HIS B 224 6.93 25.03 1.75
CA HIS B 224 7.48 26.15 2.51
C HIS B 224 8.96 25.91 2.79
N PRO B 225 9.87 26.76 2.31
CA PRO B 225 11.30 26.51 2.53
C PRO B 225 11.82 26.93 3.89
N ASN B 226 12.30 25.96 4.67
CA ASN B 226 12.98 26.18 5.96
C ASN B 226 12.09 26.95 6.94
N THR B 227 10.97 26.31 7.31
CA THR B 227 10.11 26.81 8.37
C THR B 227 10.35 26.09 9.69
N GLU B 228 11.60 25.73 9.99
CA GLU B 228 11.89 24.99 11.21
C GLU B 228 11.43 25.72 12.46
N THR B 229 11.52 27.04 12.49
CA THR B 229 10.93 27.78 13.61
C THR B 229 9.41 27.71 13.56
N VAL B 230 8.83 27.89 12.37
CA VAL B 230 7.38 27.74 12.20
C VAL B 230 6.95 26.34 12.56
N PHE B 231 7.61 25.33 11.98
CA PHE B 231 7.21 23.95 12.25
C PHE B 231 7.44 23.57 13.71
N GLU B 232 8.44 24.15 14.37
CA GLU B 232 8.68 23.81 15.76
C GLU B 232 7.62 24.45 16.66
N ALA B 233 7.29 25.72 16.42
CA ALA B 233 6.14 26.32 17.07
C ALA B 233 4.90 25.45 16.90
N PHE B 234 4.67 24.99 15.66
CA PHE B 234 3.49 24.19 15.37
C PHE B 234 3.51 22.86 16.11
N LEU B 235 4.63 22.14 16.02
CA LEU B 235 4.78 20.85 16.68
C LEU B 235 4.57 20.96 18.18
N LYS B 236 5.21 21.94 18.81
CA LYS B 236 5.05 22.11 20.25
C LYS B 236 3.60 22.46 20.58
N SER B 237 2.99 23.35 19.79
CA SER B 237 1.60 23.73 20.04
C SER B 237 0.68 22.52 19.99
N TYR B 238 0.81 21.70 18.95
CA TYR B 238 -0.05 20.53 18.83
C TYR B 238 0.23 19.53 19.95
N SER B 239 1.48 19.07 20.06
CA SER B 239 1.83 18.06 21.05
C SER B 239 1.54 18.50 22.48
N THR B 240 1.44 19.81 22.73
CA THR B 240 0.92 20.27 24.00
C THR B 240 -0.60 20.17 24.04
N SER B 241 -1.27 20.74 23.03
CA SER B 241 -2.72 20.67 22.93
C SER B 241 -3.25 19.28 22.65
N SER B 242 -2.36 18.30 22.44
CA SER B 242 -2.76 16.91 22.22
C SER B 242 -2.03 16.01 23.20
N LYS B 243 -2.81 15.32 24.03
CA LYS B 243 -2.27 14.42 25.03
C LYS B 243 -1.94 13.04 24.46
N LYS B 244 -1.84 12.92 23.13
CA LYS B 244 -1.73 11.62 22.49
C LYS B 244 -0.54 11.50 21.55
N ALA B 245 0.18 12.59 21.26
CA ALA B 245 1.21 12.59 20.24
C ALA B 245 2.44 11.77 20.60
N ARG B 246 2.50 11.18 21.81
CA ARG B 246 3.75 10.52 22.22
C ARG B 246 3.96 9.20 21.48
N PRO B 247 3.06 8.21 21.55
CA PRO B 247 3.28 7.00 20.74
C PRO B 247 3.17 7.28 19.25
N VAL B 248 2.45 8.32 18.86
CA VAL B 248 2.40 8.71 17.46
C VAL B 248 3.79 9.10 16.97
N LEU B 249 4.46 10.00 17.70
CA LEU B 249 5.80 10.41 17.30
C LEU B 249 6.80 9.27 17.46
N LYS B 250 6.57 8.35 18.41
CA LYS B 250 7.44 7.19 18.54
C LYS B 250 7.34 6.28 17.31
N LYS B 251 6.11 6.01 16.87
CA LYS B 251 5.94 5.23 15.65
C LYS B 251 6.46 5.99 14.43
N LEU B 252 6.40 7.32 14.46
CA LEU B 252 7.05 8.10 13.40
C LEU B 252 8.55 7.86 13.38
N ASP B 253 9.18 7.85 14.55
CA ASP B 253 10.60 7.50 14.63
C ASP B 253 10.85 6.10 14.10
N GLU B 254 9.93 5.17 14.38
CA GLU B 254 10.03 3.83 13.79
C GLU B 254 10.02 3.91 12.27
N VAL B 255 9.14 4.74 11.71
CA VAL B 255 9.14 4.98 10.26
C VAL B 255 10.49 5.53 9.81
N ARG B 256 11.12 6.36 10.65
CA ARG B 256 12.35 7.04 10.26
C ARG B 256 13.50 6.06 10.07
N LEU B 257 13.44 4.90 10.71
CA LEU B 257 14.52 3.91 10.61
C LEU B 257 14.17 2.74 9.70
N ARG B 258 13.00 2.76 9.05
CA ARG B 258 12.66 1.74 8.05
C ARG B 258 12.04 2.32 6.79
N GLY B 259 11.63 3.58 6.80
CA GLY B 259 11.16 4.23 5.59
C GLY B 259 9.76 3.84 5.14
N ARG B 260 8.79 3.88 6.05
CA ARG B 260 7.40 3.59 5.70
C ARG B 260 6.62 4.86 5.42
N PRO C 2 33.13 -6.22 -19.98
CA PRO C 2 33.60 -7.26 -19.05
C PRO C 2 32.56 -8.35 -18.83
N ALA C 3 33.00 -9.50 -18.34
CA ALA C 3 32.12 -10.62 -18.04
C ALA C 3 31.91 -10.69 -16.52
N VAL C 4 30.74 -11.18 -16.12
CA VAL C 4 30.36 -11.26 -14.72
C VAL C 4 29.78 -12.64 -14.44
N LEU C 5 30.30 -13.30 -13.43
CA LEU C 5 29.80 -14.57 -12.90
C LEU C 5 28.85 -14.25 -11.76
N GLY C 6 27.57 -14.16 -12.06
CA GLY C 6 26.57 -13.94 -11.03
C GLY C 6 26.24 -15.25 -10.34
N PHE C 7 26.71 -15.40 -9.13
CA PHE C 7 26.83 -16.69 -8.48
C PHE C 7 25.61 -16.93 -7.58
N GLU C 8 24.41 -16.81 -8.13
CA GLU C 8 23.27 -16.64 -7.24
C GLU C 8 22.76 -17.99 -6.77
N GLY C 9 22.48 -18.09 -5.48
CA GLY C 9 21.51 -19.05 -4.99
C GLY C 9 20.95 -18.55 -3.68
N SER C 10 19.62 -18.38 -3.56
CA SER C 10 19.15 -17.73 -2.35
C SER C 10 18.44 -18.67 -1.37
N ALA C 11 17.30 -19.25 -1.71
CA ALA C 11 16.78 -20.31 -0.84
C ALA C 11 16.49 -21.61 -1.58
N ASN C 12 15.52 -21.59 -2.50
CA ASN C 12 15.27 -22.74 -3.35
C ASN C 12 15.65 -22.45 -4.79
N LYS C 13 16.94 -22.50 -5.08
CA LYS C 13 17.45 -22.19 -6.40
C LYS C 13 18.95 -22.31 -6.41
N ILE C 14 19.53 -22.30 -7.60
CA ILE C 14 20.94 -22.00 -7.79
C ILE C 14 21.12 -21.64 -9.25
N GLY C 15 22.19 -20.95 -9.57
CA GLY C 15 22.40 -20.57 -10.95
C GLY C 15 23.61 -19.70 -11.11
N VAL C 16 24.15 -19.79 -12.32
CA VAL C 16 25.33 -19.05 -12.74
C VAL C 16 24.89 -18.15 -13.88
N GLY C 17 24.74 -16.87 -13.61
CA GLY C 17 24.50 -15.94 -14.69
C GLY C 17 25.80 -15.51 -15.32
N VAL C 18 26.01 -15.90 -16.58
CA VAL C 18 27.18 -15.46 -17.32
C VAL C 18 26.75 -14.23 -18.12
N VAL C 19 27.15 -13.04 -17.65
CA VAL C 19 26.78 -11.80 -18.32
C VAL C 19 28.01 -11.25 -19.03
N ARG C 20 27.91 -11.04 -20.35
CA ARG C 20 29.03 -10.53 -21.13
C ARG C 20 28.51 -9.97 -22.44
N ASP C 21 28.89 -8.73 -22.76
CA ASP C 21 28.51 -8.07 -24.01
C ASP C 21 26.99 -7.97 -24.18
N GLY C 22 26.28 -7.68 -23.08
CA GLY C 22 24.87 -7.38 -23.17
C GLY C 22 23.95 -8.57 -23.39
N LYS C 23 24.38 -9.78 -23.02
CA LYS C 23 23.56 -10.96 -23.16
C LYS C 23 23.82 -11.90 -21.99
N VAL C 24 22.75 -12.52 -21.50
CA VAL C 24 22.87 -13.51 -20.41
C VAL C 24 23.11 -14.84 -21.10
N LEU C 25 24.39 -15.10 -21.41
CA LEU C 25 24.75 -16.27 -22.20
C LEU C 25 24.28 -17.56 -21.55
N ALA C 26 24.62 -17.77 -20.27
CA ALA C 26 24.23 -18.98 -19.57
C ALA C 26 23.46 -18.61 -18.32
N ASN C 27 22.25 -19.14 -18.19
CA ASN C 27 21.46 -19.07 -16.96
C ASN C 27 21.09 -20.49 -16.52
N PRO C 28 22.08 -21.40 -16.41
CA PRO C 28 21.72 -22.79 -16.10
C PRO C 28 21.18 -22.90 -14.69
N ARG C 29 20.75 -24.10 -14.30
CA ARG C 29 20.32 -24.31 -12.93
C ARG C 29 20.05 -25.78 -12.70
N ARG C 30 19.90 -26.11 -11.45
CA ARG C 30 19.20 -27.31 -11.00
C ARG C 30 18.19 -26.80 -10.00
N THR C 31 17.05 -26.35 -10.51
CA THR C 31 15.97 -25.90 -9.64
C THR C 31 15.75 -26.97 -8.59
N TYR C 32 16.02 -26.64 -7.34
CA TYR C 32 16.04 -27.66 -6.29
C TYR C 32 14.59 -28.08 -6.05
N VAL C 33 14.00 -28.74 -7.06
CA VAL C 33 12.62 -29.16 -6.98
C VAL C 33 12.48 -30.15 -5.83
N THR C 34 11.39 -30.05 -5.09
CA THR C 34 11.26 -30.64 -3.78
C THR C 34 9.94 -31.39 -3.68
N PRO C 35 9.77 -32.23 -2.65
CA PRO C 35 8.44 -32.76 -2.33
C PRO C 35 7.42 -31.64 -2.20
N PRO C 36 6.12 -31.96 -2.24
CA PRO C 36 5.11 -30.91 -2.47
C PRO C 36 5.01 -29.90 -1.34
N GLY C 37 5.44 -28.67 -1.62
CA GLY C 37 5.33 -27.57 -0.68
C GLY C 37 6.20 -27.70 0.56
N THR C 38 7.47 -28.05 0.37
CA THR C 38 8.44 -28.13 1.46
C THR C 38 9.78 -27.62 0.94
N GLY C 39 10.22 -26.46 1.42
CA GLY C 39 11.46 -25.89 0.94
C GLY C 39 11.98 -24.84 1.88
N PHE C 40 12.53 -23.78 1.29
CA PHE C 40 13.16 -22.68 2.03
C PHE C 40 14.17 -23.23 3.05
N LEU C 41 15.18 -23.91 2.50
CA LEU C 41 16.15 -24.61 3.30
C LEU C 41 17.46 -23.85 3.38
N PRO C 42 18.06 -23.72 4.57
CA PRO C 42 19.42 -23.19 4.66
C PRO C 42 20.49 -24.26 4.55
N GLY C 43 20.17 -25.48 4.98
CA GLY C 43 21.15 -26.55 5.04
C GLY C 43 21.28 -27.40 3.79
N ASP C 44 20.17 -28.02 3.37
CA ASP C 44 20.25 -28.90 2.22
C ASP C 44 20.33 -28.12 0.92
N THR C 45 19.78 -26.90 0.89
CA THR C 45 20.12 -25.96 -0.17
C THR C 45 21.63 -25.92 -0.33
N ALA C 46 22.36 -25.81 0.78
CA ALA C 46 23.81 -25.76 0.72
C ALA C 46 24.40 -27.07 0.24
N ARG C 47 23.94 -28.20 0.79
CA ARG C 47 24.46 -29.49 0.35
C ARG C 47 24.31 -29.67 -1.16
N HIS C 48 23.08 -29.53 -1.64
CA HIS C 48 22.74 -29.53 -3.06
C HIS C 48 23.66 -28.61 -3.86
N HIS C 49 23.71 -27.34 -3.46
CA HIS C 49 24.46 -26.35 -4.20
C HIS C 49 25.94 -26.70 -4.26
N ARG C 50 26.50 -27.21 -3.17
CA ARG C 50 27.89 -27.65 -3.19
C ARG C 50 28.06 -28.82 -4.15
N ALA C 51 27.23 -29.85 -4.01
CA ALA C 51 27.34 -31.01 -4.87
C ALA C 51 27.26 -30.66 -6.35
N VAL C 52 26.40 -29.69 -6.71
CA VAL C 52 26.15 -29.41 -8.12
C VAL C 52 26.92 -28.20 -8.63
N ILE C 53 27.59 -27.44 -7.74
CA ILE C 53 28.04 -26.12 -8.15
C ILE C 53 29.22 -26.20 -9.10
N LEU C 54 30.13 -27.15 -8.87
CA LEU C 54 31.22 -27.33 -9.82
C LEU C 54 30.69 -27.75 -11.17
N ASP C 55 29.70 -28.65 -11.18
CA ASP C 55 29.06 -29.05 -12.43
C ASP C 55 28.45 -27.85 -13.13
N LEU C 56 27.76 -26.99 -12.38
CA LEU C 56 27.08 -25.84 -12.99
C LEU C 56 28.07 -24.82 -13.50
N LEU C 57 29.14 -24.57 -12.74
CA LEU C 57 30.24 -23.73 -13.20
C LEU C 57 30.76 -24.23 -14.54
N GLN C 58 31.13 -25.52 -14.58
CA GLN C 58 31.69 -26.08 -15.81
C GLN C 58 30.68 -26.03 -16.96
N GLU C 59 29.41 -26.30 -16.66
CA GLU C 59 28.36 -26.22 -17.68
C GLU C 59 28.29 -24.82 -18.28
N ALA C 60 28.12 -23.81 -17.43
CA ALA C 60 28.04 -22.44 -17.91
C ALA C 60 29.29 -22.06 -18.70
N LEU C 61 30.46 -22.50 -18.23
CA LEU C 61 31.69 -22.12 -18.90
C LEU C 61 31.82 -22.78 -20.28
N THR C 62 31.40 -24.04 -20.40
CA THR C 62 31.52 -24.70 -21.70
C THR C 62 30.44 -24.22 -22.66
N GLU C 63 29.25 -23.90 -22.14
CA GLU C 63 28.23 -23.25 -22.97
C GLU C 63 28.76 -21.93 -23.52
N SER C 64 29.27 -21.08 -22.64
CA SER C 64 29.84 -19.81 -23.08
C SER C 64 31.13 -20.01 -23.86
N GLY C 65 31.90 -21.04 -23.49
CA GLY C 65 33.20 -21.25 -24.10
C GLY C 65 34.28 -20.33 -23.59
N LEU C 66 34.13 -19.76 -22.40
CA LEU C 66 35.09 -18.83 -21.85
C LEU C 66 35.93 -19.52 -20.76
N THR C 67 37.04 -18.88 -20.40
CA THR C 67 38.03 -19.44 -19.51
C THR C 67 37.99 -18.71 -18.16
N SER C 68 38.84 -19.15 -17.22
CA SER C 68 39.00 -18.50 -15.94
C SER C 68 39.88 -17.26 -16.02
N GLN C 69 40.31 -16.90 -17.23
CA GLN C 69 40.97 -15.63 -17.48
C GLN C 69 40.20 -14.76 -18.47
N ASP C 70 39.03 -15.20 -18.92
CA ASP C 70 38.14 -14.39 -19.74
C ASP C 70 36.90 -13.94 -18.98
N ILE C 71 36.66 -14.49 -17.79
CA ILE C 71 35.68 -13.94 -16.87
C ILE C 71 36.28 -12.68 -16.24
N ASP C 72 35.45 -11.67 -16.01
CA ASP C 72 35.96 -10.40 -15.52
C ASP C 72 35.41 -9.97 -14.18
N CYS C 73 34.58 -10.79 -13.54
CA CYS C 73 34.01 -10.42 -12.24
C CYS C 73 33.38 -11.65 -11.61
N ILE C 74 33.31 -11.62 -10.28
CA ILE C 74 32.67 -12.68 -9.51
C ILE C 74 31.67 -11.99 -8.59
N ALA C 75 30.43 -11.87 -9.04
CA ALA C 75 29.40 -11.13 -8.31
C ALA C 75 28.57 -12.13 -7.51
N TYR C 76 28.81 -12.15 -6.20
CA TYR C 76 27.96 -12.95 -5.33
C TYR C 76 26.82 -12.09 -4.79
N THR C 77 25.68 -12.72 -4.56
CA THR C 77 24.55 -12.00 -4.00
C THR C 77 24.87 -11.57 -2.58
N LYS C 78 25.06 -10.26 -2.39
CA LYS C 78 25.33 -9.72 -1.07
C LYS C 78 24.12 -9.78 -0.16
N GLY C 79 22.92 -9.88 -0.73
CA GLY C 79 21.72 -10.03 0.04
C GLY C 79 20.56 -9.32 -0.62
N PRO C 80 19.35 -9.46 -0.05
CA PRO C 80 19.14 -10.33 1.12
C PRO C 80 18.76 -11.75 0.73
N GLY C 81 19.65 -12.70 0.98
CA GLY C 81 19.37 -14.08 0.66
C GLY C 81 19.10 -14.90 1.90
N MET C 82 19.70 -16.08 1.98
CA MET C 82 19.67 -16.90 3.18
C MET C 82 21.07 -16.97 3.76
N GLY C 83 21.17 -17.46 4.99
CA GLY C 83 22.44 -17.45 5.69
C GLY C 83 23.47 -18.40 5.11
N ALA C 84 23.26 -19.70 5.25
CA ALA C 84 24.23 -20.67 4.74
C ALA C 84 24.27 -20.74 3.22
N PRO C 85 23.14 -20.72 2.49
CA PRO C 85 23.22 -20.72 1.02
C PRO C 85 24.14 -19.64 0.47
N LEU C 86 24.16 -18.45 1.08
CA LEU C 86 24.99 -17.37 0.56
C LEU C 86 26.46 -17.58 0.89
N VAL C 87 26.79 -18.03 2.10
CA VAL C 87 28.22 -18.22 2.39
C VAL C 87 28.78 -19.37 1.56
N SER C 88 27.97 -20.40 1.30
CA SER C 88 28.43 -21.49 0.44
C SER C 88 28.51 -21.07 -1.02
N VAL C 89 27.56 -20.27 -1.48
CA VAL C 89 27.68 -19.53 -2.73
C VAL C 89 28.98 -18.72 -2.75
N ALA C 90 29.40 -18.24 -1.60
CA ALA C 90 30.39 -17.17 -1.55
C ALA C 90 31.81 -17.71 -1.60
N VAL C 91 32.11 -18.71 -0.77
CA VAL C 91 33.50 -19.17 -0.65
C VAL C 91 34.11 -19.46 -2.02
N VAL C 92 33.30 -19.99 -2.94
CA VAL C 92 33.78 -20.19 -4.31
C VAL C 92 34.06 -18.85 -4.97
N ALA C 93 33.16 -17.88 -4.79
CA ALA C 93 33.36 -16.56 -5.38
C ALA C 93 34.68 -15.95 -4.92
N ARG C 94 34.88 -15.91 -3.60
CA ARG C 94 36.10 -15.36 -3.04
C ARG C 94 37.33 -16.15 -3.50
N THR C 95 37.20 -17.48 -3.63
CA THR C 95 38.36 -18.29 -3.96
C THR C 95 38.75 -18.14 -5.42
N VAL C 96 37.79 -18.30 -6.33
CA VAL C 96 38.06 -18.06 -7.75
C VAL C 96 38.46 -16.60 -7.97
N ALA C 97 38.08 -15.70 -7.06
CA ALA C 97 38.58 -14.33 -7.12
C ALA C 97 40.06 -14.28 -6.77
N GLN C 98 40.44 -14.84 -5.62
CA GLN C 98 41.82 -14.78 -5.17
C GLN C 98 42.74 -15.62 -6.05
N LEU C 99 42.18 -16.53 -6.83
CA LEU C 99 42.97 -17.43 -7.64
C LEU C 99 42.99 -17.02 -9.10
N TRP C 100 41.80 -16.87 -9.71
CA TRP C 100 41.69 -16.38 -11.07
C TRP C 100 42.15 -14.93 -11.17
N ASN C 101 42.51 -14.33 -10.04
CA ASN C 101 42.91 -12.92 -9.91
C ASN C 101 41.74 -11.98 -10.15
N LYS C 102 40.59 -12.27 -9.52
CA LYS C 102 39.39 -11.46 -9.69
C LYS C 102 39.00 -10.76 -8.39
N PRO C 103 38.19 -9.69 -8.46
CA PRO C 103 37.75 -9.03 -7.21
C PRO C 103 36.43 -9.53 -6.67
N LEU C 104 36.35 -9.75 -5.37
CA LEU C 104 35.07 -9.98 -4.73
C LEU C 104 34.21 -8.73 -4.83
N VAL C 105 32.94 -8.91 -5.17
CA VAL C 105 32.00 -7.80 -5.28
C VAL C 105 30.66 -8.24 -4.71
N GLY C 106 30.14 -7.45 -3.79
CA GLY C 106 28.79 -7.68 -3.29
C GLY C 106 27.78 -6.93 -4.12
N VAL C 107 26.62 -7.54 -4.29
CA VAL C 107 25.52 -6.94 -5.03
C VAL C 107 24.22 -7.20 -4.29
N ASN C 108 23.41 -6.15 -4.15
CA ASN C 108 22.08 -6.30 -3.60
C ASN C 108 21.27 -7.27 -4.44
N HIS C 109 20.29 -7.93 -3.82
CA HIS C 109 19.44 -8.87 -4.54
C HIS C 109 18.38 -8.15 -5.37
N CYS C 110 17.57 -7.30 -4.72
CA CYS C 110 16.40 -6.74 -5.35
C CYS C 110 16.76 -5.81 -6.50
N ILE C 111 17.84 -5.05 -6.36
CA ILE C 111 18.33 -4.23 -7.46
C ILE C 111 18.64 -5.10 -8.66
N GLY C 112 18.92 -6.38 -8.46
CA GLY C 112 19.10 -7.27 -9.59
C GLY C 112 17.82 -7.49 -10.38
N HIS C 113 16.75 -7.87 -9.67
CA HIS C 113 15.42 -7.95 -10.28
C HIS C 113 15.09 -6.67 -11.04
N ILE C 114 15.35 -5.52 -10.41
CA ILE C 114 14.95 -4.26 -11.02
C ILE C 114 15.86 -3.89 -12.18
N GLU C 115 17.12 -4.31 -12.16
CA GLU C 115 18.01 -4.03 -13.27
C GLU C 115 17.69 -4.90 -14.46
N MET C 116 17.37 -6.17 -14.21
CA MET C 116 16.88 -7.02 -15.30
C MET C 116 15.56 -6.51 -15.84
N GLY C 117 14.75 -5.86 -14.98
CA GLY C 117 13.55 -5.20 -15.47
C GLY C 117 13.87 -3.99 -16.34
N ARG C 118 14.87 -3.21 -15.94
CA ARG C 118 15.33 -2.11 -16.77
C ARG C 118 15.87 -2.61 -18.11
N LEU C 119 16.40 -3.83 -18.13
CA LEU C 119 16.73 -4.48 -19.40
C LEU C 119 15.48 -5.02 -20.09
N ILE C 120 14.40 -5.23 -19.35
CA ILE C 120 13.18 -5.75 -19.94
C ILE C 120 12.33 -4.62 -20.48
N THR C 121 12.21 -3.54 -19.71
CA THR C 121 11.39 -2.40 -20.11
C THR C 121 12.10 -1.47 -21.09
N GLY C 122 13.20 -0.87 -20.68
CA GLY C 122 13.83 0.15 -21.49
C GLY C 122 13.03 1.43 -21.56
N ALA C 123 12.49 1.88 -20.43
CA ALA C 123 11.64 3.05 -20.36
C ALA C 123 12.26 4.08 -19.42
N THR C 124 11.70 5.28 -19.44
CA THR C 124 12.26 6.42 -18.70
C THR C 124 11.94 6.29 -17.21
N SER C 125 12.89 5.72 -16.46
CA SER C 125 12.86 5.62 -15.00
C SER C 125 11.45 5.38 -14.44
N PRO C 126 10.81 4.27 -14.78
CA PRO C 126 9.46 4.02 -14.31
C PRO C 126 9.46 3.54 -12.87
N THR C 127 8.36 3.82 -12.18
CA THR C 127 8.10 3.13 -10.92
C THR C 127 7.99 1.64 -11.20
N VAL C 128 8.20 0.83 -10.17
CA VAL C 128 8.17 -0.61 -10.33
C VAL C 128 7.46 -1.21 -9.14
N LEU C 129 6.36 -1.91 -9.40
CA LEU C 129 5.85 -2.88 -8.44
C LEU C 129 6.78 -4.08 -8.50
N TYR C 130 7.39 -4.41 -7.38
CA TYR C 130 8.36 -5.48 -7.30
C TYR C 130 8.00 -6.42 -6.15
N VAL C 131 7.90 -7.70 -6.48
CA VAL C 131 7.48 -8.74 -5.53
C VAL C 131 8.15 -10.05 -5.90
N SER C 132 8.75 -10.70 -4.91
CA SER C 132 9.37 -12.01 -5.09
C SER C 132 9.05 -12.80 -3.82
N GLY C 133 9.79 -13.88 -3.58
CA GLY C 133 9.59 -14.59 -2.34
C GLY C 133 9.89 -13.78 -1.09
N GLY C 134 10.51 -12.60 -1.24
CA GLY C 134 10.87 -11.81 -0.08
C GLY C 134 10.73 -10.31 -0.20
N ASN C 135 9.82 -9.79 -1.03
CA ASN C 135 9.72 -8.36 -1.21
C ASN C 135 8.30 -7.96 -1.60
N THR C 136 7.83 -6.84 -1.04
CA THR C 136 6.59 -6.21 -1.49
C THR C 136 6.82 -4.71 -1.53
N GLN C 137 7.27 -4.21 -2.68
CA GLN C 137 7.63 -2.80 -2.75
C GLN C 137 7.06 -2.16 -4.00
N VAL C 138 6.63 -0.93 -3.85
CA VAL C 138 6.39 -0.02 -4.96
C VAL C 138 7.50 1.01 -4.90
N ILE C 139 8.34 1.03 -5.92
CA ILE C 139 9.61 1.74 -5.88
C ILE C 139 9.63 2.80 -6.97
N ALA C 140 10.26 3.93 -6.66
CA ALA C 140 10.64 4.91 -7.66
C ALA C 140 12.00 5.45 -7.27
N TYR C 141 12.83 5.74 -8.28
CA TYR C 141 14.14 6.31 -8.05
C TYR C 141 13.99 7.82 -7.90
N SER C 142 13.91 8.28 -6.65
CA SER C 142 13.71 9.69 -6.37
C SER C 142 14.71 10.16 -5.34
N GLU C 143 15.17 11.40 -5.51
CA GLU C 143 16.15 12.03 -4.64
C GLU C 143 17.40 11.16 -4.51
N HIS C 144 17.99 10.85 -5.67
CA HIS C 144 19.30 10.20 -5.78
C HIS C 144 19.29 8.76 -5.31
N ARG C 145 18.17 8.29 -4.76
CA ARG C 145 18.09 6.94 -4.22
C ARG C 145 16.80 6.29 -4.69
N TYR C 146 16.64 5.01 -4.35
CA TYR C 146 15.41 4.28 -4.66
C TYR C 146 14.44 4.46 -3.50
N ARG C 147 13.32 5.13 -3.78
CA ARG C 147 12.38 5.53 -2.73
C ARG C 147 11.33 4.44 -2.55
N ILE C 148 11.14 4.04 -1.29
CA ILE C 148 10.08 3.08 -0.97
C ILE C 148 8.78 3.84 -0.74
N PHE C 149 7.87 3.77 -1.71
CA PHE C 149 6.51 4.24 -1.51
C PHE C 149 5.55 3.13 -1.13
N GLY C 150 5.80 1.90 -1.57
CA GLY C 150 4.96 0.78 -1.18
C GLY C 150 5.73 -0.27 -0.43
N GLU C 151 5.38 -0.52 0.83
CA GLU C 151 6.17 -1.38 1.69
C GLU C 151 5.25 -2.18 2.61
N THR C 152 5.44 -3.50 2.59
CA THR C 152 4.72 -4.40 3.48
C THR C 152 5.38 -4.41 4.85
N ILE C 153 4.96 -5.34 5.70
CA ILE C 153 5.69 -5.63 6.93
C ILE C 153 5.88 -7.15 7.05
N ASP C 154 5.02 -7.93 6.40
CA ASP C 154 4.98 -9.35 6.68
C ASP C 154 5.36 -10.26 5.51
N ILE C 155 4.64 -10.15 4.40
CA ILE C 155 4.72 -11.18 3.35
C ILE C 155 4.89 -10.50 2.00
N ALA C 156 4.90 -11.29 0.92
CA ALA C 156 5.21 -10.78 -0.40
C ALA C 156 4.39 -11.52 -1.44
N VAL C 157 4.01 -10.79 -2.49
CA VAL C 157 3.16 -11.36 -3.55
C VAL C 157 3.79 -12.63 -4.09
N GLY C 158 5.09 -12.61 -4.38
CA GLY C 158 5.78 -13.84 -4.71
C GLY C 158 5.65 -14.86 -3.60
N ASN C 159 6.10 -14.51 -2.39
CA ASN C 159 5.95 -15.39 -1.24
C ASN C 159 4.49 -15.78 -1.03
N CYS C 160 3.55 -14.85 -1.23
CA CYS C 160 2.15 -15.12 -0.93
C CYS C 160 1.55 -16.11 -1.91
N LEU C 161 1.56 -15.78 -3.20
CA LEU C 161 1.03 -16.68 -4.21
C LEU C 161 1.74 -18.03 -4.20
N ASP C 162 3.04 -18.05 -3.89
CA ASP C 162 3.74 -19.32 -3.94
C ASP C 162 3.47 -20.16 -2.69
N ARG C 163 3.32 -19.53 -1.52
CA ARG C 163 2.90 -20.29 -0.34
C ARG C 163 1.47 -20.79 -0.52
N PHE C 164 0.64 -20.03 -1.21
CA PHE C 164 -0.71 -20.49 -1.51
C PHE C 164 -0.68 -21.73 -2.40
N ALA C 165 -0.03 -21.61 -3.56
CA ALA C 165 0.13 -22.78 -4.41
C ALA C 165 0.83 -23.93 -3.71
N ARG C 166 1.61 -23.64 -2.66
CA ARG C 166 2.20 -24.68 -1.83
C ARG C 166 1.13 -25.42 -1.03
N VAL C 167 0.36 -24.69 -0.22
CA VAL C 167 -0.60 -25.33 0.67
C VAL C 167 -1.70 -26.05 -0.08
N LEU C 168 -1.75 -25.95 -1.41
CA LEU C 168 -2.61 -26.78 -2.23
C LEU C 168 -1.83 -27.84 -2.99
N LYS C 169 -0.59 -28.10 -2.58
CA LYS C 169 0.23 -29.23 -3.04
C LYS C 169 0.20 -29.41 -4.55
N ILE C 170 0.32 -28.32 -5.29
CA ILE C 170 0.36 -28.38 -6.74
C ILE C 170 1.78 -28.75 -7.17
N SER C 171 1.94 -29.09 -8.45
CA SER C 171 3.24 -29.50 -8.96
C SER C 171 4.21 -28.33 -8.90
N ASN C 172 5.14 -28.39 -7.94
CA ASN C 172 6.03 -27.26 -7.67
C ASN C 172 6.79 -26.80 -8.90
N ASP C 173 6.99 -27.66 -9.87
CA ASP C 173 7.70 -27.24 -11.07
C ASP C 173 6.72 -26.85 -12.16
N PRO C 174 7.11 -25.91 -13.03
CA PRO C 174 8.36 -25.14 -12.96
C PRO C 174 8.29 -24.03 -11.92
N SER C 175 7.09 -23.55 -11.64
CA SER C 175 6.88 -22.50 -10.66
C SER C 175 5.45 -22.52 -10.15
N PRO C 176 5.24 -22.64 -8.84
CA PRO C 176 3.87 -22.67 -8.30
C PRO C 176 2.96 -21.57 -8.84
N GLY C 177 3.55 -20.41 -9.14
CA GLY C 177 2.79 -19.35 -9.79
C GLY C 177 2.17 -19.79 -11.10
N TYR C 178 2.94 -20.49 -11.93
CA TYR C 178 2.38 -21.00 -13.18
C TYR C 178 1.21 -21.94 -12.92
N ASN C 179 1.33 -22.76 -11.88
CA ASN C 179 0.26 -23.71 -11.58
C ASN C 179 -1.01 -22.98 -11.18
N ILE C 180 -0.88 -21.92 -10.39
CA ILE C 180 -2.08 -21.19 -9.98
C ILE C 180 -2.59 -20.32 -11.12
N GLU C 181 -1.72 -20.01 -12.08
CA GLU C 181 -2.15 -19.23 -13.24
C GLU C 181 -3.00 -20.07 -14.17
N GLN C 182 -2.49 -21.23 -14.60
CA GLN C 182 -3.22 -22.07 -15.53
C GLN C 182 -4.24 -22.97 -14.84
N MET C 183 -4.27 -22.99 -13.51
CA MET C 183 -5.32 -23.67 -12.78
C MET C 183 -6.53 -22.76 -12.57
N ALA C 184 -6.50 -21.53 -13.12
CA ALA C 184 -7.49 -20.53 -12.75
C ALA C 184 -8.77 -20.65 -13.57
N LYS C 185 -8.65 -20.58 -14.90
CA LYS C 185 -9.75 -20.17 -15.76
C LYS C 185 -11.04 -20.96 -15.54
N ARG C 186 -10.95 -22.10 -14.88
CA ARG C 186 -12.10 -23.00 -14.76
C ARG C 186 -12.85 -22.87 -13.44
N GLY C 187 -12.98 -21.66 -12.91
CA GLY C 187 -13.72 -21.44 -11.67
C GLY C 187 -14.47 -20.13 -11.64
N LYS C 188 -15.66 -20.13 -11.06
CA LYS C 188 -16.52 -18.95 -10.99
C LYS C 188 -16.98 -18.73 -9.56
N LYS C 189 -17.94 -17.81 -9.39
CA LYS C 189 -18.49 -17.47 -8.09
C LYS C 189 -17.43 -16.91 -7.15
N LEU C 190 -16.77 -15.83 -7.56
CA LEU C 190 -15.76 -15.20 -6.71
C LEU C 190 -16.40 -14.66 -5.44
N VAL C 191 -15.54 -14.37 -4.45
CA VAL C 191 -16.00 -13.98 -3.12
C VAL C 191 -15.28 -12.68 -2.76
N GLU C 192 -15.55 -12.14 -1.57
CA GLU C 192 -14.90 -10.93 -1.08
C GLU C 192 -13.85 -11.30 -0.04
N LEU C 193 -12.59 -10.98 -0.33
CA LEU C 193 -11.48 -11.19 0.56
C LEU C 193 -10.98 -9.79 0.91
N PRO C 194 -10.27 -9.62 2.03
CA PRO C 194 -9.90 -8.27 2.48
C PRO C 194 -9.17 -7.45 1.43
N TYR C 195 -9.64 -6.21 1.27
CA TYR C 195 -8.99 -5.20 0.44
C TYR C 195 -8.41 -4.17 1.39
N THR C 196 -7.07 -4.13 1.50
CA THR C 196 -6.39 -3.32 2.49
C THR C 196 -5.32 -2.49 1.76
N VAL C 197 -5.70 -1.30 1.33
CA VAL C 197 -4.79 -0.30 0.82
C VAL C 197 -4.86 0.89 1.76
N LYS C 198 -3.77 1.16 2.47
CA LYS C 198 -3.83 2.12 3.56
C LYS C 198 -3.00 3.36 3.25
N GLY C 199 -3.12 3.83 2.01
CA GLY C 199 -2.77 5.17 1.59
C GLY C 199 -1.66 5.23 0.58
N MET C 200 -0.54 4.57 0.85
CA MET C 200 0.38 4.22 -0.22
C MET C 200 1.11 2.92 0.10
N ASP C 201 0.73 2.26 1.20
CA ASP C 201 1.42 1.09 1.68
C ASP C 201 0.45 -0.07 1.84
N VAL C 202 0.89 -1.25 1.42
CA VAL C 202 0.07 -2.46 1.46
C VAL C 202 0.48 -3.29 2.68
N SER C 203 -0.43 -4.16 3.10
CA SER C 203 -0.11 -5.18 4.09
C SER C 203 -0.67 -6.50 3.61
N PHE C 204 0.12 -7.22 2.80
CA PHE C 204 -0.39 -8.40 2.11
C PHE C 204 -0.70 -9.55 3.04
N SER C 205 -0.26 -9.50 4.30
CA SER C 205 -0.58 -10.55 5.25
C SER C 205 -2.08 -10.81 5.30
N GLY C 206 -2.86 -9.74 5.46
CA GLY C 206 -4.31 -9.88 5.50
C GLY C 206 -4.87 -10.63 4.30
N ILE C 207 -4.23 -10.49 3.14
CA ILE C 207 -4.60 -11.28 1.96
C ILE C 207 -4.41 -12.75 2.31
N LEU C 208 -3.16 -13.14 2.52
CA LEU C 208 -2.78 -14.55 2.45
C LEU C 208 -3.55 -15.37 3.47
N SER C 209 -3.40 -15.04 4.76
CA SER C 209 -4.09 -15.77 5.81
C SER C 209 -5.56 -16.01 5.45
N PHE C 210 -6.23 -14.99 4.91
CA PHE C 210 -7.66 -15.12 4.65
C PHE C 210 -7.95 -16.27 3.71
N ILE C 211 -7.21 -16.35 2.60
CA ILE C 211 -7.50 -17.40 1.63
C ILE C 211 -7.28 -18.77 2.25
N GLU C 212 -6.37 -18.87 3.24
CA GLU C 212 -6.18 -20.13 3.93
C GLU C 212 -7.47 -20.57 4.61
N ASP C 213 -8.13 -19.64 5.30
CA ASP C 213 -9.36 -19.95 6.02
C ASP C 213 -10.49 -20.32 5.05
N VAL C 214 -10.21 -20.25 3.75
CA VAL C 214 -11.17 -20.74 2.77
C VAL C 214 -11.11 -22.26 2.67
N ALA C 215 -9.91 -22.81 2.57
CA ALA C 215 -9.73 -24.22 2.23
C ALA C 215 -10.62 -25.13 3.06
N HIS C 216 -10.70 -24.87 4.37
CA HIS C 216 -11.52 -25.65 5.28
C HIS C 216 -12.93 -25.80 4.73
N ARG C 217 -13.64 -24.68 4.56
CA ARG C 217 -15.01 -24.75 4.07
C ARG C 217 -15.08 -25.00 2.58
N MET C 218 -13.93 -25.01 1.89
CA MET C 218 -13.91 -25.50 0.53
C MET C 218 -13.95 -27.02 0.47
N LEU C 219 -13.76 -27.69 1.60
CA LEU C 219 -13.85 -29.14 1.68
C LEU C 219 -14.94 -29.63 2.62
N ALA C 220 -15.34 -28.81 3.60
CA ALA C 220 -16.34 -29.20 4.59
C ALA C 220 -17.77 -28.96 4.12
N THR C 221 -17.97 -28.32 2.96
CA THR C 221 -19.32 -28.08 2.46
C THR C 221 -19.43 -28.50 0.99
N GLY C 222 -18.31 -28.52 0.28
CA GLY C 222 -18.31 -28.96 -1.10
C GLY C 222 -19.11 -28.11 -2.06
N GLU C 223 -19.19 -26.80 -1.81
CA GLU C 223 -19.96 -25.89 -2.65
C GLU C 223 -19.08 -24.85 -3.32
N CYS C 224 -17.77 -25.10 -3.36
CA CYS C 224 -16.84 -24.19 -3.99
C CYS C 224 -15.64 -24.98 -4.51
N THR C 225 -15.11 -24.54 -5.64
CA THR C 225 -13.95 -25.14 -6.26
C THR C 225 -12.71 -24.29 -6.05
N PRO C 226 -11.51 -24.87 -6.14
CA PRO C 226 -10.30 -24.06 -5.95
C PRO C 226 -10.03 -23.08 -7.08
N GLU C 227 -10.44 -23.41 -8.31
CA GLU C 227 -10.28 -22.46 -9.42
C GLU C 227 -10.96 -21.14 -9.12
N ASP C 228 -12.05 -21.18 -8.34
CA ASP C 228 -12.63 -19.96 -7.79
C ASP C 228 -11.58 -19.16 -7.03
N LEU C 229 -10.89 -19.81 -6.10
CA LEU C 229 -9.86 -19.13 -5.31
C LEU C 229 -8.77 -18.56 -6.20
N CYS C 230 -8.37 -19.32 -7.22
CA CYS C 230 -7.36 -18.85 -8.15
C CYS C 230 -7.78 -17.55 -8.82
N PHE C 231 -8.94 -17.57 -9.49
CA PHE C 231 -9.40 -16.40 -10.21
C PHE C 231 -9.65 -15.23 -9.26
N SER C 232 -10.11 -15.53 -8.05
CA SER C 232 -10.43 -14.48 -7.08
C SER C 232 -9.18 -13.77 -6.58
N LEU C 233 -8.14 -14.54 -6.19
CA LEU C 233 -6.90 -13.90 -5.77
C LEU C 233 -6.22 -13.19 -6.93
N GLN C 234 -6.28 -13.76 -8.14
CA GLN C 234 -5.83 -13.00 -9.30
C GLN C 234 -6.46 -11.62 -9.32
N GLU C 235 -7.80 -11.58 -9.43
CA GLU C 235 -8.49 -10.30 -9.53
C GLU C 235 -8.15 -9.37 -8.38
N THR C 236 -8.29 -9.84 -7.15
CA THR C 236 -8.14 -8.97 -5.99
C THR C 236 -6.74 -8.39 -5.88
N VAL C 237 -5.70 -9.25 -5.81
CA VAL C 237 -4.38 -8.71 -5.51
C VAL C 237 -3.84 -7.96 -6.72
N PHE C 238 -4.18 -8.38 -7.94
CA PHE C 238 -3.75 -7.61 -9.09
C PHE C 238 -4.42 -6.24 -9.08
N ALA C 239 -5.66 -6.17 -8.62
CA ALA C 239 -6.32 -4.89 -8.46
C ALA C 239 -5.51 -4.03 -7.51
N MET C 240 -5.45 -4.45 -6.24
CA MET C 240 -4.73 -3.67 -5.22
C MET C 240 -3.40 -3.16 -5.74
N LEU C 241 -2.60 -4.05 -6.34
CA LEU C 241 -1.27 -3.67 -6.79
C LEU C 241 -1.35 -2.60 -7.88
N VAL C 242 -2.18 -2.82 -8.90
CA VAL C 242 -2.17 -1.87 -10.02
C VAL C 242 -2.85 -0.55 -9.63
N GLU C 243 -3.82 -0.60 -8.72
CA GLU C 243 -4.45 0.61 -8.22
C GLU C 243 -3.42 1.50 -7.52
N ILE C 244 -2.74 0.97 -6.50
CA ILE C 244 -1.74 1.79 -5.84
C ILE C 244 -0.59 2.13 -6.79
N THR C 245 -0.37 1.31 -7.82
CA THR C 245 0.68 1.61 -8.79
C THR C 245 0.33 2.87 -9.58
N GLU C 246 -0.87 2.94 -10.15
CA GLU C 246 -1.26 4.13 -10.89
C GLU C 246 -1.37 5.33 -9.94
N ARG C 247 -1.74 5.09 -8.69
CA ARG C 247 -1.81 6.17 -7.71
C ARG C 247 -0.45 6.81 -7.50
N ALA C 248 0.52 6.03 -7.01
CA ALA C 248 1.87 6.54 -6.83
C ALA C 248 2.52 6.90 -8.16
N MET C 249 1.93 6.49 -9.28
CA MET C 249 2.40 6.94 -10.58
C MET C 249 2.04 8.39 -10.82
N ALA C 250 0.74 8.68 -10.75
CA ALA C 250 0.28 10.05 -10.95
C ALA C 250 0.86 10.98 -9.88
N HIS C 251 1.09 10.47 -8.68
CA HIS C 251 1.76 11.24 -7.64
C HIS C 251 3.07 11.84 -8.15
N CYS C 252 3.99 10.97 -8.58
CA CYS C 252 5.32 11.39 -8.98
C CYS C 252 5.39 11.95 -10.39
N GLY C 253 4.26 12.07 -11.09
CA GLY C 253 4.29 12.51 -12.47
C GLY C 253 4.73 11.45 -13.45
N SER C 254 4.56 10.18 -13.11
CA SER C 254 4.94 9.06 -13.96
C SER C 254 3.69 8.32 -14.44
N GLN C 255 3.76 7.82 -15.67
CA GLN C 255 2.65 7.08 -16.27
C GLN C 255 3.14 5.75 -16.82
N GLU C 256 4.04 5.10 -16.09
CA GLU C 256 4.63 3.84 -16.51
C GLU C 256 4.55 2.83 -15.37
N ALA C 257 4.58 1.55 -15.70
CA ALA C 257 4.46 0.50 -14.69
C ALA C 257 5.11 -0.79 -15.17
N LEU C 258 5.87 -1.43 -14.28
CA LEU C 258 6.53 -2.69 -14.57
C LEU C 258 6.38 -3.62 -13.37
N ILE C 259 6.12 -4.90 -13.63
CA ILE C 259 5.95 -5.90 -12.59
C ILE C 259 6.97 -7.00 -12.82
N VAL C 260 7.87 -7.19 -11.85
CA VAL C 260 8.92 -8.19 -11.95
C VAL C 260 9.00 -8.95 -10.63
N GLY C 261 9.48 -10.18 -10.72
CA GLY C 261 9.79 -10.96 -9.55
C GLY C 261 8.94 -12.21 -9.41
N GLY C 262 8.82 -12.67 -8.16
CA GLY C 262 8.22 -13.94 -7.83
C GLY C 262 6.90 -14.24 -8.49
N VAL C 263 6.03 -13.24 -8.61
CA VAL C 263 4.83 -13.38 -9.40
C VAL C 263 4.86 -12.37 -10.53
N GLY C 264 5.42 -12.76 -11.66
CA GLY C 264 5.30 -12.03 -12.89
C GLY C 264 4.91 -13.03 -13.96
N CYS C 265 5.00 -14.30 -13.60
CA CYS C 265 4.62 -15.38 -14.50
C CYS C 265 3.17 -15.26 -14.93
N ASN C 266 2.31 -14.77 -14.05
CA ASN C 266 0.89 -14.69 -14.37
C ASN C 266 0.62 -13.71 -15.50
N VAL C 267 -0.44 -13.98 -16.25
CA VAL C 267 -0.90 -13.09 -17.30
C VAL C 267 -2.18 -12.34 -16.92
N ARG C 268 -3.01 -12.90 -16.03
CA ARG C 268 -4.15 -12.16 -15.50
C ARG C 268 -3.74 -10.77 -15.03
N LEU C 269 -2.55 -10.67 -14.41
CA LEU C 269 -2.03 -9.38 -13.98
C LEU C 269 -1.76 -8.48 -15.17
N GLN C 270 -1.24 -9.03 -16.27
CA GLN C 270 -1.10 -8.24 -17.48
C GLN C 270 -2.42 -7.61 -17.89
N GLU C 271 -3.49 -8.41 -17.86
CA GLU C 271 -4.80 -7.91 -18.27
C GLU C 271 -5.27 -6.78 -17.35
N MET C 272 -5.25 -7.01 -16.04
CA MET C 272 -5.79 -6.00 -15.13
C MET C 272 -4.96 -4.73 -15.14
N MET C 273 -3.63 -4.88 -15.19
CA MET C 273 -2.77 -3.71 -15.37
C MET C 273 -3.14 -2.96 -16.64
N ALA C 274 -3.40 -3.68 -17.73
CA ALA C 274 -3.78 -3.03 -18.98
C ALA C 274 -5.08 -2.25 -18.83
N THR C 275 -6.05 -2.83 -18.12
CA THR C 275 -7.34 -2.16 -18.00
C THR C 275 -7.24 -0.91 -17.13
N MET C 276 -6.58 -1.01 -15.97
CA MET C 276 -6.37 0.17 -15.15
C MET C 276 -5.55 1.22 -15.89
N CYS C 277 -4.72 0.79 -16.86
CA CYS C 277 -3.92 1.74 -17.62
C CYS C 277 -4.76 2.46 -18.67
N GLN C 278 -5.58 1.70 -19.41
CA GLN C 278 -6.49 2.33 -20.38
C GLN C 278 -7.41 3.33 -19.69
N GLU C 279 -8.03 2.92 -18.58
CA GLU C 279 -8.97 3.81 -17.89
C GLU C 279 -8.29 5.12 -17.50
N ARG C 280 -7.22 5.04 -16.72
CA ARG C 280 -6.52 6.23 -16.24
C ARG C 280 -5.53 6.79 -17.27
N GLY C 281 -5.64 6.38 -18.54
CA GLY C 281 -4.78 6.89 -19.57
C GLY C 281 -3.33 6.46 -19.48
N ALA C 282 -3.02 5.43 -18.70
CA ALA C 282 -1.65 4.97 -18.54
C ALA C 282 -1.35 3.85 -19.52
N ARG C 283 -0.09 3.43 -19.56
CA ARG C 283 0.36 2.34 -20.41
C ARG C 283 1.02 1.27 -19.55
N LEU C 284 0.94 0.03 -20.01
CA LEU C 284 1.44 -1.11 -19.26
C LEU C 284 2.71 -1.66 -19.90
N PHE C 285 3.33 -2.60 -19.20
CA PHE C 285 4.46 -3.36 -19.70
C PHE C 285 4.23 -4.83 -19.44
N ALA C 286 4.79 -5.69 -20.29
CA ALA C 286 4.51 -7.10 -20.24
C ALA C 286 5.22 -7.76 -19.05
N THR C 287 5.10 -9.08 -18.97
CA THR C 287 5.72 -9.87 -17.93
C THR C 287 5.91 -11.29 -18.44
N ASP C 288 6.62 -12.10 -17.66
CA ASP C 288 6.99 -13.44 -18.10
C ASP C 288 7.27 -14.32 -16.90
N GLU C 289 7.53 -15.60 -17.18
CA GLU C 289 7.70 -16.61 -16.14
C GLU C 289 9.14 -16.75 -15.67
N ARG C 290 10.03 -17.17 -16.56
CA ARG C 290 11.34 -17.62 -16.13
C ARG C 290 12.23 -16.47 -15.70
N PHE C 291 12.25 -15.39 -16.48
CA PHE C 291 13.11 -14.26 -16.16
C PHE C 291 12.80 -13.68 -14.79
N CYS C 292 11.51 -13.58 -14.44
CA CYS C 292 11.09 -13.13 -13.12
C CYS C 292 11.19 -14.24 -12.08
N ILE C 293 11.85 -15.34 -12.41
CA ILE C 293 12.24 -16.37 -11.44
C ILE C 293 13.73 -16.22 -11.19
N ASP C 294 14.14 -16.50 -9.95
CA ASP C 294 15.46 -16.11 -9.46
C ASP C 294 16.58 -16.89 -10.11
N ASN C 295 17.01 -16.46 -11.29
CA ASN C 295 18.15 -17.11 -11.92
C ASN C 295 19.44 -16.58 -11.31
N GLY C 296 20.57 -16.89 -11.93
CA GLY C 296 21.83 -16.29 -11.50
C GLY C 296 22.19 -15.14 -12.41
N ALA C 297 21.38 -14.94 -13.45
CA ALA C 297 21.67 -13.91 -14.43
C ALA C 297 21.42 -12.52 -13.87
N MET C 298 20.37 -12.37 -13.06
CA MET C 298 20.00 -11.04 -12.57
C MET C 298 21.06 -10.46 -11.64
N ILE C 299 21.72 -11.30 -10.84
CA ILE C 299 22.75 -10.79 -9.94
C ILE C 299 24.00 -10.43 -10.73
N ALA C 300 24.30 -11.20 -11.77
CA ALA C 300 25.38 -10.79 -12.68
C ALA C 300 25.06 -9.45 -13.33
N GLN C 301 23.80 -9.24 -13.73
CA GLN C 301 23.42 -7.97 -14.32
C GLN C 301 23.61 -6.83 -13.34
N ALA C 302 22.97 -6.90 -12.17
CA ALA C 302 23.14 -5.84 -11.18
C ALA C 302 24.59 -5.66 -10.78
N GLY C 303 25.39 -6.73 -10.86
CA GLY C 303 26.81 -6.59 -10.64
C GLY C 303 27.48 -5.77 -11.72
N TRP C 304 27.01 -5.91 -12.97
CA TRP C 304 27.56 -5.09 -14.04
C TRP C 304 27.56 -3.62 -13.66
N GLU C 305 26.47 -3.13 -13.07
CA GLU C 305 26.41 -1.74 -12.62
C GLU C 305 27.20 -1.53 -11.33
N MET C 306 26.88 -2.29 -10.28
CA MET C 306 27.54 -2.11 -8.98
C MET C 306 29.05 -2.33 -9.05
N PHE C 307 29.57 -2.79 -10.19
CA PHE C 307 30.96 -3.13 -10.41
C PHE C 307 31.64 -2.20 -11.41
N ARG C 308 30.94 -1.85 -12.50
CA ARG C 308 31.50 -0.93 -13.48
C ARG C 308 31.81 0.43 -12.85
N ALA C 309 30.99 0.85 -11.89
CA ALA C 309 31.21 2.13 -11.23
C ALA C 309 32.54 2.16 -10.50
N GLY C 310 32.79 1.19 -9.65
CA GLY C 310 34.02 1.14 -8.88
C GLY C 310 33.82 0.66 -7.46
N HIS C 311 32.56 0.39 -7.11
CA HIS C 311 32.25 -0.13 -5.78
C HIS C 311 32.86 -1.50 -5.59
N ARG C 312 33.82 -1.59 -4.65
CA ARG C 312 34.43 -2.85 -4.30
C ARG C 312 34.08 -3.20 -2.86
N THR C 313 34.07 -4.46 -2.58
CA THR C 313 33.82 -4.75 -1.18
C THR C 313 35.14 -4.84 -0.42
N PRO C 314 35.14 -4.52 0.88
CA PRO C 314 36.36 -4.70 1.66
C PRO C 314 36.80 -6.15 1.64
N LEU C 315 37.96 -6.39 1.04
CA LEU C 315 38.50 -7.75 0.98
C LEU C 315 38.61 -8.37 2.37
N SER C 316 38.64 -7.53 3.41
CA SER C 316 38.79 -8.03 4.77
C SER C 316 37.45 -8.16 5.50
N ASP C 317 36.36 -7.62 4.94
CA ASP C 317 35.04 -7.84 5.53
C ASP C 317 33.97 -7.76 4.45
N SER C 318 33.13 -8.79 4.39
CA SER C 318 32.07 -8.89 3.39
C SER C 318 31.28 -10.15 3.67
N GLY C 319 30.16 -10.30 2.95
CA GLY C 319 29.49 -11.58 2.91
C GLY C 319 28.09 -11.66 3.49
N VAL C 320 27.97 -12.37 4.60
CA VAL C 320 26.69 -12.79 5.14
C VAL C 320 25.79 -11.58 5.40
N THR C 321 24.53 -11.70 5.01
CA THR C 321 23.52 -10.70 5.26
C THR C 321 22.19 -11.39 5.52
N GLN C 322 21.34 -10.72 6.30
CA GLN C 322 19.96 -11.17 6.45
C GLN C 322 18.97 -10.03 6.20
N ARG C 323 19.47 -8.86 5.85
CA ARG C 323 18.67 -7.76 5.31
C ARG C 323 19.61 -6.71 4.76
N TYR C 324 19.28 -6.16 3.60
CA TYR C 324 20.14 -5.17 2.95
C TYR C 324 19.28 -4.35 2.01
N ARG C 325 18.84 -3.17 2.43
CA ARG C 325 17.74 -2.48 1.78
C ARG C 325 18.21 -1.50 0.73
N THR C 326 17.36 -1.30 -0.27
CA THR C 326 17.67 -0.46 -1.43
C THR C 326 17.57 1.02 -1.13
N ASP C 327 17.34 1.40 0.13
CA ASP C 327 17.56 2.75 0.60
C ASP C 327 18.61 2.76 1.71
N GLU C 328 19.11 1.56 2.05
CA GLU C 328 20.37 1.41 2.77
C GLU C 328 21.53 1.31 1.80
N VAL C 329 21.25 1.18 0.51
CA VAL C 329 22.27 1.23 -0.55
C VAL C 329 22.71 2.68 -0.71
N GLU C 330 23.81 2.88 -1.43
CA GLU C 330 24.11 4.18 -2.00
C GLU C 330 24.28 3.96 -3.50
N VAL C 331 23.18 4.02 -4.23
CA VAL C 331 23.20 3.93 -5.68
C VAL C 331 23.96 5.15 -6.22
N THR C 332 24.99 4.89 -7.03
CA THR C 332 25.83 5.95 -7.56
C THR C 332 25.89 5.99 -9.08
N TRP C 333 25.70 4.85 -9.76
CA TRP C 333 25.78 4.80 -11.21
C TRP C 333 24.76 5.69 -11.90
N ARG C 334 23.81 6.24 -11.15
CA ARG C 334 22.84 7.20 -11.67
C ARG C 334 22.76 8.38 -10.71
N ASP C 335 22.60 9.56 -11.29
CA ASP C 335 22.53 10.81 -10.51
C ASP C 335 21.41 10.78 -9.47
N PRO D 60 36.66 -21.30 26.54
CA PRO D 60 37.92 -20.95 25.86
C PRO D 60 38.52 -22.12 25.10
N HIS D 61 37.67 -22.90 24.44
CA HIS D 61 38.16 -24.00 23.61
C HIS D 61 38.94 -23.45 22.42
N ILE D 62 40.17 -23.94 22.26
CA ILE D 62 41.06 -23.52 21.18
C ILE D 62 41.35 -24.72 20.31
N PHE D 63 41.49 -24.49 19.00
CA PHE D 63 41.79 -25.56 18.06
C PHE D 63 42.69 -25.01 16.95
N THR D 64 43.94 -25.45 16.93
CA THR D 64 44.88 -25.01 15.90
C THR D 64 45.12 -26.13 14.90
N LEU D 65 45.39 -25.74 13.67
CA LEU D 65 45.49 -26.70 12.58
C LEU D 65 46.42 -26.14 11.51
N SER D 66 47.30 -27.00 11.00
CA SER D 66 48.29 -26.62 9.99
C SER D 66 47.99 -27.40 8.71
N VAL D 67 47.40 -26.72 7.74
CA VAL D 67 47.17 -27.29 6.42
C VAL D 67 48.41 -27.07 5.57
N PRO D 68 49.08 -28.12 5.10
CA PRO D 68 50.24 -27.96 4.23
C PRO D 68 49.89 -27.82 2.76
N PHE D 69 50.28 -26.72 2.14
CA PHE D 69 50.02 -26.50 0.73
C PHE D 69 51.29 -26.68 -0.09
N PRO D 70 51.18 -26.76 -1.42
CA PRO D 70 52.40 -26.85 -2.24
C PRO D 70 53.19 -25.55 -2.28
N THR D 71 52.53 -24.42 -2.46
CA THR D 71 53.20 -23.14 -2.60
C THR D 71 52.55 -22.12 -1.66
N PRO D 72 53.24 -21.02 -1.38
CA PRO D 72 52.59 -19.93 -0.62
C PRO D 72 51.34 -19.38 -1.30
N LEU D 73 51.16 -19.65 -2.59
CA LEU D 73 49.95 -19.23 -3.29
C LEU D 73 48.71 -19.73 -2.58
N GLU D 74 48.65 -21.05 -2.35
CA GLU D 74 47.52 -21.60 -1.61
C GLU D 74 47.50 -21.10 -0.18
N ALA D 75 48.67 -20.82 0.40
CA ALA D 75 48.69 -20.26 1.74
C ALA D 75 47.89 -18.97 1.80
N GLU D 76 48.26 -17.99 0.97
CA GLU D 76 47.54 -16.71 0.95
C GLU D 76 46.08 -16.91 0.55
N ILE D 77 45.80 -17.79 -0.42
CA ILE D 77 44.43 -17.98 -0.87
C ILE D 77 43.58 -18.52 0.28
N ALA D 78 43.88 -19.72 0.76
CA ALA D 78 43.04 -20.32 1.79
C ALA D 78 43.14 -19.56 3.11
N HIS D 79 44.05 -18.60 3.25
CA HIS D 79 43.95 -17.66 4.35
C HIS D 79 42.85 -16.64 4.08
N GLY D 80 42.89 -16.00 2.91
CA GLY D 80 41.94 -14.97 2.55
C GLY D 80 40.53 -15.46 2.33
N SER D 81 40.35 -16.37 1.38
CA SER D 81 39.04 -16.71 0.84
C SER D 81 38.10 -17.31 1.87
N LEU D 82 38.53 -17.39 3.13
CA LEU D 82 37.60 -17.76 4.18
C LEU D 82 37.69 -16.83 5.39
N ALA D 83 38.57 -15.83 5.37
CA ALA D 83 38.70 -14.91 6.50
C ALA D 83 37.59 -13.85 6.57
N PRO D 84 37.41 -13.01 5.55
CA PRO D 84 36.61 -11.78 5.74
C PRO D 84 35.19 -12.02 6.19
N ASP D 85 34.64 -13.21 5.99
CA ASP D 85 33.27 -13.45 6.42
C ASP D 85 33.19 -13.39 7.93
N ALA D 86 32.48 -12.37 8.43
CA ALA D 86 32.09 -12.36 9.84
C ALA D 86 31.04 -13.44 9.95
N GLU D 87 31.48 -14.64 10.30
CA GLU D 87 30.70 -15.87 10.23
C GLU D 87 29.31 -15.70 10.83
N PRO D 88 28.31 -16.42 10.34
CA PRO D 88 26.99 -16.40 10.98
C PRO D 88 27.07 -16.61 12.48
N HIS D 89 28.12 -17.27 12.98
CA HIS D 89 28.32 -17.46 14.41
C HIS D 89 29.79 -17.29 14.78
N GLN D 90 30.18 -16.05 15.09
CA GLN D 90 31.42 -15.76 15.82
C GLN D 90 31.09 -15.27 17.23
N ARG D 91 29.85 -15.49 17.68
CA ARG D 91 29.39 -15.00 18.98
C ARG D 91 30.37 -15.36 20.08
N VAL D 92 30.90 -16.58 20.05
CA VAL D 92 31.94 -17.03 20.96
C VAL D 92 33.12 -17.62 20.18
N VAL D 93 33.18 -17.39 18.88
CA VAL D 93 34.14 -18.04 18.00
C VAL D 93 35.08 -17.00 17.42
N GLY D 94 36.37 -17.25 17.53
CA GLY D 94 37.40 -16.41 16.92
C GLY D 94 38.16 -17.21 15.88
N LYS D 95 38.21 -16.68 14.65
CA LYS D 95 38.87 -17.32 13.54
C LYS D 95 40.20 -16.62 13.28
N ASP D 96 41.30 -17.34 13.49
CA ASP D 96 42.64 -16.77 13.39
C ASP D 96 43.38 -17.45 12.26
N LEU D 97 43.56 -16.74 11.16
CA LEU D 97 44.12 -17.30 9.93
C LEU D 97 45.50 -16.71 9.73
N THR D 98 46.54 -17.47 10.09
CA THR D 98 47.91 -17.02 10.03
C THR D 98 48.67 -17.85 9.00
N VAL D 99 49.18 -17.17 7.98
CA VAL D 99 49.96 -17.81 6.92
C VAL D 99 51.42 -17.90 7.36
N SER D 100 52.02 -19.09 7.23
CA SER D 100 53.44 -19.28 7.52
C SER D 100 54.06 -20.00 6.33
N GLY D 101 54.73 -19.25 5.46
CA GLY D 101 55.33 -19.85 4.28
C GLY D 101 54.26 -20.45 3.39
N ARG D 102 54.42 -21.72 3.03
CA ARG D 102 53.41 -22.44 2.26
C ARG D 102 52.46 -23.24 3.14
N ILE D 103 52.61 -23.18 4.46
CA ILE D 103 51.67 -23.80 5.37
C ILE D 103 50.73 -22.72 5.89
N LEU D 104 49.52 -23.13 6.25
CA LEU D 104 48.53 -22.22 6.81
C LEU D 104 48.11 -22.74 8.18
N VAL D 105 48.36 -21.94 9.22
CA VAL D 105 47.89 -22.24 10.56
C VAL D 105 46.58 -21.51 10.76
N VAL D 106 45.62 -22.19 11.37
CA VAL D 106 44.31 -21.61 11.64
C VAL D 106 43.89 -22.04 13.04
N ARG D 107 43.46 -21.08 13.84
CA ARG D 107 43.11 -21.32 15.23
C ARG D 107 41.69 -20.83 15.47
N TRP D 108 40.83 -21.74 15.90
CA TRP D 108 39.43 -21.45 16.14
C TRP D 108 39.20 -21.41 17.65
N LYS D 109 38.38 -20.45 18.08
CA LYS D 109 38.09 -20.23 19.48
C LYS D 109 36.58 -20.33 19.68
N ALA D 110 36.15 -21.13 20.66
CA ALA D 110 34.72 -21.34 20.86
C ALA D 110 34.43 -21.62 22.33
N GLU D 111 33.13 -21.60 22.64
CA GLU D 111 32.65 -21.87 23.99
C GLU D 111 31.58 -22.95 24.05
N ASP D 112 30.94 -23.29 22.93
CA ASP D 112 29.98 -24.38 22.86
C ASP D 112 30.35 -25.24 21.67
N CYS D 113 30.39 -26.57 21.89
CA CYS D 113 30.98 -27.46 20.90
C CYS D 113 30.06 -27.70 19.70
N ARG D 114 28.77 -27.41 19.79
CA ARG D 114 27.89 -27.67 18.65
C ARG D 114 28.21 -26.73 17.49
N LEU D 115 28.04 -25.42 17.70
CA LEU D 115 28.41 -24.46 16.66
C LEU D 115 29.90 -24.52 16.36
N LEU D 116 30.70 -24.95 17.35
CA LEU D 116 32.11 -25.22 17.08
C LEU D 116 32.26 -26.24 15.97
N ARG D 117 31.67 -27.43 16.13
CA ARG D 117 31.78 -28.47 15.11
C ARG D 117 31.19 -28.02 13.79
N ILE D 118 30.07 -27.28 13.85
CA ILE D 118 29.46 -26.77 12.62
C ILE D 118 30.45 -25.88 11.88
N SER D 119 31.05 -24.91 12.58
CA SER D 119 32.09 -24.08 11.98
C SER D 119 33.22 -24.92 11.42
N VAL D 120 33.73 -25.86 12.22
CA VAL D 120 34.84 -26.71 11.78
C VAL D 120 34.52 -27.37 10.46
N ILE D 121 33.43 -28.14 10.42
CA ILE D 121 33.16 -28.97 9.24
C ILE D 121 32.72 -28.11 8.06
N ASN D 122 31.92 -27.07 8.33
CA ASN D 122 31.51 -26.16 7.27
C ASN D 122 32.73 -25.53 6.61
N PHE D 123 33.59 -24.88 7.41
CA PHE D 123 34.85 -24.38 6.90
C PHE D 123 35.58 -25.46 6.11
N LEU D 124 35.92 -26.57 6.77
CA LEU D 124 36.72 -27.62 6.14
C LEU D 124 36.11 -28.09 4.83
N ASP D 125 34.81 -27.92 4.65
CA ASP D 125 34.26 -28.25 3.34
C ASP D 125 34.32 -27.07 2.38
N GLN D 126 34.32 -25.84 2.88
CA GLN D 126 34.66 -24.72 2.01
C GLN D 126 36.08 -24.90 1.49
N LEU D 127 36.98 -25.25 2.40
CA LEU D 127 38.29 -25.79 2.06
C LEU D 127 38.24 -26.86 0.99
N SER D 128 37.50 -27.94 1.26
CA SER D 128 37.38 -29.04 0.31
C SER D 128 36.91 -28.55 -1.06
N LEU D 129 36.13 -27.47 -1.07
CA LEU D 129 35.61 -26.93 -2.32
C LEU D 129 36.67 -26.09 -3.01
N VAL D 130 37.46 -25.34 -2.24
CA VAL D 130 38.67 -24.74 -2.77
C VAL D 130 39.58 -25.81 -3.36
N VAL D 131 39.61 -26.98 -2.74
CA VAL D 131 40.47 -28.06 -3.21
C VAL D 131 39.95 -28.61 -4.53
N ARG D 132 38.66 -28.94 -4.59
CA ARG D 132 38.08 -29.43 -5.83
C ARG D 132 38.13 -28.41 -6.94
N THR D 133 38.17 -27.11 -6.60
CA THR D 133 38.35 -26.10 -7.62
C THR D 133 39.81 -26.05 -8.08
N MET D 134 40.74 -26.22 -7.14
CA MET D 134 42.14 -26.26 -7.52
C MET D 134 42.51 -27.59 -8.16
N GLN D 135 41.58 -28.53 -8.18
CA GLN D 135 41.69 -29.74 -8.99
C GLN D 135 40.98 -29.60 -10.33
N ARG D 136 39.94 -28.75 -10.39
CA ARG D 136 39.15 -28.57 -11.60
C ARG D 136 39.41 -27.24 -12.29
N PHE D 137 39.89 -26.23 -11.57
CA PHE D 137 40.32 -24.96 -12.15
C PHE D 137 41.78 -24.66 -11.85
N GLY D 138 42.26 -24.98 -10.65
CA GLY D 138 43.65 -24.82 -10.31
C GLY D 138 44.50 -25.95 -10.86
N PRO D 139 45.59 -26.31 -10.17
CA PRO D 139 46.23 -25.84 -8.93
C PRO D 139 46.63 -24.35 -8.98
N PRO D 140 47.01 -23.75 -7.86
CA PRO D 140 47.14 -22.29 -7.81
C PRO D 140 48.08 -21.74 -8.87
N VAL D 141 47.63 -20.69 -9.55
CA VAL D 141 48.42 -20.01 -10.57
C VAL D 141 49.23 -18.92 -9.90
N SER D 142 50.43 -18.67 -10.43
CA SER D 142 51.30 -17.64 -9.86
C SER D 142 50.66 -16.27 -10.01
N ARG D 143 50.49 -15.58 -8.88
CA ARG D 143 49.96 -14.23 -8.88
C ARG D 143 50.90 -13.29 -8.14
N MET E 1 54.18 -31.00 5.99
CA MET E 1 53.76 -31.63 4.75
C MET E 1 52.74 -32.75 5.02
N GLU E 2 51.89 -32.54 6.01
CA GLU E 2 50.80 -33.46 6.30
C GLU E 2 49.67 -32.68 6.94
N LEU E 3 48.44 -33.15 6.75
CA LEU E 3 47.27 -32.47 7.29
C LEU E 3 47.39 -32.50 8.82
N LEU E 4 47.67 -31.35 9.41
CA LEU E 4 48.11 -31.24 10.79
C LEU E 4 47.15 -30.33 11.56
N GLY E 5 46.75 -30.77 12.76
CA GLY E 5 45.83 -30.01 13.57
C GLY E 5 45.94 -30.39 15.03
N GLU E 6 45.39 -29.53 15.89
CA GLU E 6 45.54 -29.73 17.31
C GLU E 6 44.44 -28.99 18.05
N TYR E 7 43.79 -29.70 18.98
CA TYR E 7 42.73 -29.15 19.80
C TYR E 7 43.13 -29.20 21.27
N VAL E 8 42.96 -28.07 21.96
CA VAL E 8 43.10 -27.96 23.41
C VAL E 8 41.99 -27.03 23.88
N GLY E 9 41.08 -27.54 24.69
CA GLY E 9 40.06 -26.70 25.29
C GLY E 9 40.54 -26.19 26.64
N GLN E 10 39.82 -26.54 27.70
CA GLN E 10 40.27 -26.32 29.06
C GLN E 10 40.86 -27.59 29.67
N GLU E 11 41.09 -28.62 28.86
CA GLU E 11 41.71 -29.84 29.35
C GLU E 11 43.17 -29.61 29.73
N GLY E 12 43.83 -28.67 29.06
CA GLY E 12 45.24 -28.45 29.31
C GLY E 12 46.14 -29.55 28.79
N LYS E 13 45.59 -30.48 28.01
CA LYS E 13 46.35 -31.57 27.43
C LYS E 13 46.25 -31.50 25.92
N PRO E 14 47.37 -31.73 25.21
CA PRO E 14 47.36 -31.57 23.76
C PRO E 14 46.63 -32.70 23.03
N GLN E 15 45.60 -32.36 22.25
CA GLN E 15 44.96 -33.34 21.38
C GLN E 15 45.45 -33.08 19.97
N LYS E 16 46.59 -33.68 19.63
CA LYS E 16 47.31 -33.41 18.39
C LYS E 16 47.09 -34.55 17.39
N LEU E 17 46.52 -34.22 16.23
CA LEU E 17 46.31 -35.22 15.19
C LEU E 17 46.88 -34.71 13.88
N ARG E 18 47.12 -35.66 12.96
CA ARG E 18 47.72 -35.37 11.67
C ARG E 18 47.67 -36.63 10.80
N VAL E 19 47.55 -36.45 9.50
CA VAL E 19 47.50 -37.55 8.55
C VAL E 19 48.39 -37.21 7.37
N SER E 20 49.04 -38.23 6.82
CA SER E 20 49.91 -38.04 5.66
C SER E 20 49.10 -37.77 4.41
N CYS E 21 49.71 -37.09 3.45
CA CYS E 21 49.10 -36.77 2.17
C CYS E 21 49.80 -37.54 1.06
N GLU E 22 49.13 -37.61 -0.09
CA GLU E 22 49.70 -38.33 -1.23
C GLU E 22 50.97 -37.63 -1.72
N ALA E 23 52.06 -38.39 -1.77
CA ALA E 23 53.30 -37.84 -2.29
C ALA E 23 53.17 -37.58 -3.79
N PRO E 24 53.46 -36.37 -4.24
CA PRO E 24 53.40 -36.06 -5.66
C PRO E 24 54.50 -36.79 -6.43
N GLY E 25 54.40 -36.70 -7.75
CA GLY E 25 55.25 -37.44 -8.65
C GLY E 25 54.57 -38.61 -9.34
N ASP E 26 53.43 -39.07 -8.82
CA ASP E 26 52.60 -40.05 -9.51
C ASP E 26 51.19 -39.48 -9.62
N GLY E 27 50.99 -38.30 -9.04
CA GLY E 27 49.70 -37.65 -9.09
C GLY E 27 49.71 -36.42 -8.19
N ASP E 28 48.61 -35.68 -8.23
CA ASP E 28 48.61 -34.52 -7.37
C ASP E 28 48.28 -34.90 -5.93
N PRO E 29 48.88 -34.24 -4.95
CA PRO E 29 48.59 -34.56 -3.55
C PRO E 29 47.14 -34.33 -3.18
N PHE E 30 46.41 -33.53 -3.95
CA PHE E 30 45.04 -33.16 -3.63
C PHE E 30 44.15 -34.37 -3.38
N GLN E 31 44.47 -35.53 -3.94
CA GLN E 31 43.68 -36.73 -3.67
C GLN E 31 43.86 -37.17 -2.22
N GLY E 32 45.11 -37.36 -1.81
CA GLY E 32 45.40 -37.55 -0.40
C GLY E 32 44.94 -36.39 0.46
N LEU E 33 44.80 -35.21 -0.12
CA LEU E 33 44.30 -34.07 0.64
C LEU E 33 42.82 -34.23 0.96
N LEU E 34 42.01 -34.58 -0.04
CA LEU E 34 40.62 -34.91 0.22
C LEU E 34 40.49 -36.11 1.14
N SER E 35 41.44 -37.05 1.03
CA SER E 35 41.49 -38.17 1.96
C SER E 35 41.61 -37.66 3.40
N GLY E 36 42.63 -36.84 3.66
CA GLY E 36 42.77 -36.23 4.97
C GLY E 36 41.58 -35.37 5.35
N VAL E 37 40.89 -34.81 4.36
CA VAL E 37 39.67 -34.05 4.63
C VAL E 37 38.64 -34.96 5.28
N ALA E 38 38.30 -36.05 4.61
CA ALA E 38 37.40 -37.04 5.19
C ALA E 38 37.91 -37.51 6.55
N GLN E 39 39.21 -37.75 6.65
CA GLN E 39 39.80 -38.23 7.90
C GLN E 39 39.54 -37.27 9.04
N MET E 40 39.91 -36.00 8.87
CA MET E 40 39.72 -35.02 9.92
C MET E 40 38.24 -34.84 10.26
N LYS E 41 37.36 -34.95 9.27
CA LYS E 41 35.92 -34.93 9.58
C LYS E 41 35.55 -36.06 10.52
N ASP E 42 35.93 -37.29 10.18
CA ASP E 42 35.66 -38.43 11.05
C ASP E 42 36.22 -38.19 12.44
N MET E 43 37.45 -37.69 12.52
CA MET E 43 38.12 -37.55 13.81
C MET E 43 37.42 -36.52 14.68
N VAL E 44 37.16 -35.33 14.14
CA VAL E 44 36.51 -34.29 14.94
C VAL E 44 35.14 -34.76 15.40
N THR E 45 34.40 -35.44 14.52
CA THR E 45 33.09 -35.94 14.92
C THR E 45 33.23 -36.95 16.06
N GLU E 46 33.91 -38.07 15.80
CA GLU E 46 34.01 -39.15 16.78
C GLU E 46 34.61 -38.67 18.10
N LEU E 47 35.39 -37.59 18.09
CA LEU E 47 35.93 -37.08 19.33
C LEU E 47 34.93 -36.20 20.08
N PHE E 48 34.27 -35.26 19.37
CA PHE E 48 33.49 -34.25 20.07
C PHE E 48 32.06 -34.66 20.36
N ASP E 49 31.43 -35.47 19.49
CA ASP E 49 30.00 -35.77 19.70
C ASP E 49 29.72 -36.47 21.02
N PRO E 50 30.43 -37.55 21.40
CA PRO E 50 30.05 -38.18 22.67
C PRO E 50 30.39 -37.33 23.89
#